data_2HMM
#
_entry.id   2HMM
#
_cell.length_a   139.725
_cell.length_b   139.725
_cell.length_c   208.113
_cell.angle_alpha   90.00
_cell.angle_beta   90.00
_cell.angle_gamma   120.00
#
_symmetry.space_group_name_H-M   'H 3 2'
#
loop_
_entity.id
_entity.type
_entity.pdbx_description
1 polymer 'Naphthalene 1,2-dioxygenase alpha subunit'
2 polymer 'Naphthalene 1,2-dioxygenase beta subunit'
3 non-polymer 'FE (III) ION'
4 non-polymer 'SULFATE ION'
5 non-polymer 'FE2/S2 (INORGANIC) CLUSTER'
6 non-polymer ANTHRACENE
7 non-polymer 1,2-ETHANEDIOL
8 water water
#
loop_
_entity_poly.entity_id
_entity_poly.type
_entity_poly.pdbx_seq_one_letter_code
_entity_poly.pdbx_strand_id
1 'polypeptide(L)'
;MNYNNKILVSESGLSQKHLIHGDEELFQHELKTIFARNWLFLTHDSLIPAPGDYVTAKMGIDEVIVSRQNDGSIRAFLNV
CRHRGKTLVSVEAGNAKGFVCSYHGWGFGSNGELQSVPFEKDLYGESLNKKCLGLKEVARVESFHGFIYGCFDQEAPPLM
DYLGDAAWYLEPMFKHSGGLELVGPPGKVVIKANWKAPAENFVGDAYHVGWTHASSLRSGESIFSSLAGNAALPPEGAGL
QMTSKYGSGMGVLWDGYSGVHSADLVPELMAFGGAKQERLNKEIGDVRARIYRSHLNCTVFPNNSMLTCSGVFKVWNPID
ANTTEVWTYAIVEKDMPEDLKRRLADSVQRTFGPAGFWESDDNDNMETASQNGKKYQSRDSDLLSNLGFGEDVYGDAVYP
GVVGKSAIGETSYRGFYRAYQAHVSSSNWAEFEHASSTWHTELTKTTDR
;
A
2 'polypeptide(L)'
;MMINIQEDKLVSAHDAEEILRFFNCHDSALQQEATTLLTQEAHLLDIQAYRAWLEHCVGSEVQYQVISRELRAASERRYK
LNEAMNVYNENFQQLKVRVEHQLDPQNWGNSPKLRFTRFITNVQAAMDVNDKELLHIRSNVILHRARRGNQVDVFYAARE
DKWKRGEGGVRKLVQRFVDYPERILQTHNLMVFL
;
B
#
loop_
_chem_comp.id
_chem_comp.type
_chem_comp.name
_chem_comp.formula
AN3 non-polymer ANTHRACENE 'C14 H10'
EDO non-polymer 1,2-ETHANEDIOL 'C2 H6 O2'
FE non-polymer 'FE (III) ION' 'Fe 3'
FES non-polymer 'FE2/S2 (INORGANIC) CLUSTER' 'Fe2 S2'
SO4 non-polymer 'SULFATE ION' 'O4 S -2'
#
# COMPACT_ATOMS: atom_id res chain seq x y z
N MET A 1 -12.22 -14.15 -26.94
CA MET A 1 -11.08 -13.46 -27.61
C MET A 1 -9.91 -14.45 -27.80
N ASN A 2 -9.25 -14.37 -28.96
CA ASN A 2 -8.10 -15.23 -29.25
C ASN A 2 -6.83 -14.51 -28.83
N TYR A 3 -6.27 -14.89 -27.68
CA TYR A 3 -5.12 -14.15 -27.11
C TYR A 3 -3.82 -14.42 -27.84
N ASN A 4 -3.82 -15.45 -28.70
CA ASN A 4 -2.65 -15.73 -29.52
C ASN A 4 -2.48 -14.68 -30.60
N ASN A 5 -3.60 -14.20 -31.11
CA ASN A 5 -3.64 -13.31 -32.27
C ASN A 5 -4.06 -11.89 -31.96
N LYS A 6 -4.91 -11.70 -30.96
CA LYS A 6 -5.44 -10.36 -30.67
C LYS A 6 -4.31 -9.39 -30.31
N ILE A 7 -4.23 -8.28 -31.05
CA ILE A 7 -3.25 -7.25 -30.74
C ILE A 7 -3.83 -6.35 -29.66
N LEU A 8 -3.47 -6.64 -28.41
CA LEU A 8 -3.91 -5.82 -27.27
C LEU A 8 -2.95 -4.70 -27.00
N VAL A 9 -1.68 -4.92 -27.36
CA VAL A 9 -0.62 -3.92 -27.26
C VAL A 9 0.08 -3.84 -28.62
N SER A 10 0.18 -2.63 -29.18
CA SER A 10 0.72 -2.41 -30.51
C SER A 10 2.25 -2.51 -30.45
N GLU A 11 2.85 -2.63 -31.62
CA GLU A 11 4.29 -2.81 -31.70
C GLU A 11 5.01 -1.69 -30.96
N SER A 12 6.09 -2.05 -30.28
CA SER A 12 6.92 -1.13 -29.47
C SER A 12 6.19 -0.62 -28.21
N GLY A 13 5.03 -1.18 -27.92
CA GLY A 13 4.25 -0.80 -26.74
C GLY A 13 3.64 0.59 -26.86
N LEU A 14 3.42 1.05 -28.08
CA LEU A 14 3.08 2.45 -28.29
C LEU A 14 1.65 2.76 -27.85
N SER A 15 0.80 1.73 -27.81
CA SER A 15 -0.59 1.87 -27.42
C SER A 15 -1.15 0.53 -26.93
N GLN A 16 -2.25 0.60 -26.19
CA GLN A 16 -2.96 -0.57 -25.68
C GLN A 16 -4.46 -0.35 -25.87
N LYS A 17 -5.19 -1.42 -26.15
CA LYS A 17 -6.65 -1.36 -26.23
C LYS A 17 -7.22 -1.07 -24.84
N HIS A 18 -8.13 -0.11 -24.77
CA HIS A 18 -8.66 0.37 -23.50
C HIS A 18 -9.36 -0.78 -22.77
N LEU A 19 -9.93 -1.74 -23.53
CA LEU A 19 -10.57 -2.91 -22.94
C LEU A 19 -9.66 -3.66 -21.98
N ILE A 20 -8.35 -3.53 -22.10
CA ILE A 20 -7.49 -4.28 -21.16
C ILE A 20 -7.78 -3.96 -19.68
N HIS A 21 -8.24 -2.74 -19.40
CA HIS A 21 -8.60 -2.34 -18.04
C HIS A 21 -10.02 -2.73 -17.59
N GLY A 22 -10.84 -3.26 -18.50
CA GLY A 22 -12.24 -3.61 -18.18
C GLY A 22 -12.71 -5.03 -18.45
N ASP A 23 -12.02 -5.78 -19.28
CA ASP A 23 -12.57 -7.04 -19.81
C ASP A 23 -12.35 -8.17 -18.80
N GLU A 24 -13.46 -8.76 -18.31
CA GLU A 24 -13.34 -9.78 -17.30
C GLU A 24 -12.79 -11.10 -17.85
N GLU A 25 -13.06 -11.43 -19.11
CA GLU A 25 -12.45 -12.62 -19.69
C GLU A 25 -10.93 -12.48 -19.73
N LEU A 26 -10.44 -11.29 -20.09
CA LEU A 26 -9.00 -11.04 -20.08
C LEU A 26 -8.43 -11.10 -18.66
N PHE A 27 -9.15 -10.55 -17.69
CA PHE A 27 -8.76 -10.69 -16.31
C PHE A 27 -8.59 -12.14 -15.93
N GLN A 28 -9.56 -12.99 -16.25
CA GLN A 28 -9.42 -14.41 -15.98
C GLN A 28 -8.19 -15.01 -16.66
N HIS A 29 -7.93 -14.59 -17.90
CA HIS A 29 -6.76 -15.02 -18.65
C HIS A 29 -5.40 -14.55 -18.03
N GLU A 30 -5.42 -13.37 -17.44
CA GLU A 30 -4.27 -12.84 -16.70
C GLU A 30 -3.96 -13.68 -15.46
N LEU A 31 -4.99 -14.22 -14.83
CA LEU A 31 -4.80 -15.09 -13.66
C LEU A 31 -3.82 -16.20 -14.05
N LYS A 32 -4.05 -16.76 -15.23
CA LYS A 32 -3.17 -17.80 -15.77
C LYS A 32 -1.82 -17.29 -16.31
N THR A 33 -1.84 -16.31 -17.21
CA THR A 33 -0.63 -15.92 -17.97
C THR A 33 0.18 -14.80 -17.35
N ILE A 34 -0.39 -14.09 -16.38
CA ILE A 34 0.39 -13.06 -15.62
C ILE A 34 0.65 -13.54 -14.19
N PHE A 35 -0.42 -13.79 -13.42
CA PHE A 35 -0.27 -14.02 -11.99
C PHE A 35 0.24 -15.41 -11.63
N ALA A 36 -0.16 -16.44 -12.38
CA ALA A 36 0.31 -17.81 -12.09
C ALA A 36 1.71 -18.04 -12.66
N ARG A 37 2.20 -17.10 -13.46
CA ARG A 37 3.43 -17.29 -14.22
C ARG A 37 4.61 -16.48 -13.67
N ASN A 38 4.30 -15.33 -13.09
CA ASN A 38 5.33 -14.35 -12.72
C ASN A 38 5.62 -14.27 -11.20
N TRP A 39 6.65 -13.48 -10.86
CA TRP A 39 7.04 -13.32 -9.49
C TRP A 39 6.18 -12.25 -8.82
N LEU A 40 5.67 -12.61 -7.64
CA LEU A 40 4.74 -11.77 -6.89
C LEU A 40 5.26 -11.53 -5.47
N PHE A 41 5.11 -10.29 -5.00
CA PHE A 41 5.63 -9.93 -3.67
C PHE A 41 4.83 -10.58 -2.57
N LEU A 42 5.51 -11.19 -1.60
CA LEU A 42 4.85 -11.84 -0.48
C LEU A 42 5.04 -11.09 0.84
N THR A 43 6.29 -10.89 1.24
CA THR A 43 6.59 -10.28 2.53
C THR A 43 8.07 -9.94 2.60
N HIS A 44 8.51 -9.50 3.78
CA HIS A 44 9.91 -9.22 4.04
C HIS A 44 10.39 -10.03 5.25
N ASP A 45 11.67 -10.39 5.24
CA ASP A 45 12.32 -10.99 6.39
C ASP A 45 11.93 -10.31 7.71
N SER A 46 11.87 -8.97 7.73
CA SER A 46 11.57 -8.21 8.93
C SER A 46 10.18 -8.48 9.53
N LEU A 47 9.28 -9.06 8.72
CA LEU A 47 7.93 -9.39 9.17
C LEU A 47 7.80 -10.84 9.63
N ILE A 48 8.69 -11.72 9.18
CA ILE A 48 8.69 -13.11 9.66
C ILE A 48 10.12 -13.56 10.01
N PRO A 49 10.77 -12.83 10.94
CA PRO A 49 12.20 -13.07 11.24
C PRO A 49 12.51 -14.37 12.00
N ALA A 50 11.60 -14.85 12.80
CA ALA A 50 11.85 -16.01 13.62
C ALA A 50 11.13 -17.26 13.16
N PRO A 51 11.71 -18.41 13.45
CA PRO A 51 11.07 -19.67 13.13
C PRO A 51 9.66 -19.72 13.64
N GLY A 52 8.77 -20.13 12.76
CA GLY A 52 7.38 -20.19 13.08
C GLY A 52 6.60 -18.93 12.79
N ASP A 53 7.28 -17.84 12.57
CA ASP A 53 6.58 -16.67 12.15
C ASP A 53 5.93 -16.91 10.77
N TYR A 54 4.71 -16.43 10.63
CA TYR A 54 4.04 -16.46 9.33
C TYR A 54 3.24 -15.19 9.08
N VAL A 55 2.91 -15.00 7.82
CA VAL A 55 1.91 -14.04 7.38
C VAL A 55 1.06 -14.68 6.30
N THR A 56 -0.12 -14.10 6.05
CA THR A 56 -0.84 -14.46 4.83
C THR A 56 -0.60 -13.37 3.79
N ALA A 57 -0.67 -13.78 2.53
CA ALA A 57 -0.48 -12.88 1.42
C ALA A 57 -1.35 -13.33 0.27
N LYS A 58 -1.69 -12.41 -0.62
CA LYS A 58 -2.32 -12.78 -1.87
C LYS A 58 -1.25 -13.03 -2.93
N MET A 59 -1.54 -13.97 -3.82
CA MET A 59 -0.79 -14.17 -5.06
C MET A 59 -1.85 -14.25 -6.15
N GLY A 60 -2.02 -13.18 -6.90
CA GLY A 60 -3.23 -13.04 -7.71
C GLY A 60 -4.45 -13.03 -6.81
N ILE A 61 -5.46 -13.83 -7.15
CA ILE A 61 -6.64 -14.00 -6.29
C ILE A 61 -6.50 -15.13 -5.26
N ASP A 62 -5.44 -15.91 -5.36
CA ASP A 62 -5.17 -16.96 -4.37
C ASP A 62 -4.58 -16.38 -3.10
N GLU A 63 -4.82 -17.04 -1.97
CA GLU A 63 -4.20 -16.66 -0.71
C GLU A 63 -3.22 -17.74 -0.27
N VAL A 64 -2.08 -17.30 0.21
CA VAL A 64 -1.02 -18.19 0.68
C VAL A 64 -0.61 -17.87 2.12
N ILE A 65 -0.08 -18.90 2.79
CA ILE A 65 0.57 -18.78 4.07
C ILE A 65 2.07 -18.78 3.78
N VAL A 66 2.78 -17.81 4.34
CA VAL A 66 4.23 -17.67 4.11
C VAL A 66 4.90 -17.82 5.46
N SER A 67 5.73 -18.84 5.60
CA SER A 67 6.17 -19.28 6.92
C SER A 67 7.67 -19.46 7.00
N ARG A 68 8.24 -18.93 8.07
CA ARG A 68 9.67 -19.11 8.36
C ARG A 68 9.88 -20.49 8.95
N GLN A 69 10.68 -21.30 8.26
CA GLN A 69 10.98 -22.66 8.68
C GLN A 69 12.07 -22.66 9.75
N ASN A 70 12.17 -23.81 10.44
CA ASN A 70 13.18 -24.04 11.47
C ASN A 70 14.60 -23.86 10.98
N ASP A 71 14.85 -24.21 9.72
CA ASP A 71 16.18 -24.09 9.11
C ASP A 71 16.51 -22.69 8.54
N GLY A 72 15.62 -21.72 8.79
CA GLY A 72 15.83 -20.34 8.33
C GLY A 72 15.28 -20.00 6.94
N SER A 73 14.85 -21.00 6.18
CA SER A 73 14.29 -20.76 4.86
C SER A 73 12.83 -20.32 5.01
N ILE A 74 12.22 -19.91 3.90
CA ILE A 74 10.81 -19.56 3.89
C ILE A 74 10.14 -20.46 2.87
N ARG A 75 9.00 -21.04 3.25
CA ARG A 75 8.13 -21.79 2.32
C ARG A 75 6.72 -21.19 2.35
N ALA A 76 6.02 -21.27 1.22
CA ALA A 76 4.67 -20.69 1.12
C ALA A 76 3.72 -21.75 0.56
N PHE A 77 2.49 -21.77 1.08
CA PHE A 77 1.52 -22.77 0.73
C PHE A 77 0.18 -22.11 0.54
N LEU A 78 -0.63 -22.73 -0.30
CA LEU A 78 -2.04 -22.34 -0.43
C LEU A 78 -2.71 -22.42 0.92
N ASN A 79 -3.48 -21.38 1.23
CA ASN A 79 -4.23 -21.28 2.48
C ASN A 79 -5.58 -22.02 2.36
N VAL A 80 -5.49 -23.30 2.04
CA VAL A 80 -6.65 -24.12 1.70
C VAL A 80 -6.40 -25.53 2.23
N CYS A 81 -7.32 -26.02 3.07
CA CYS A 81 -7.21 -27.36 3.63
C CYS A 81 -7.33 -28.45 2.55
N ARG A 82 -6.48 -29.46 2.64
CA ARG A 82 -6.42 -30.56 1.64
C ARG A 82 -7.56 -31.57 1.76
N HIS A 83 -8.37 -31.44 2.80
CA HIS A 83 -9.55 -32.29 2.99
C HIS A 83 -10.75 -31.75 2.17
N ARG A 84 -11.58 -30.86 2.71
CA ARG A 84 -12.71 -30.29 1.95
C ARG A 84 -12.59 -28.77 1.64
N GLY A 85 -11.37 -28.23 1.64
CA GLY A 85 -11.12 -26.95 0.96
C GLY A 85 -11.36 -25.67 1.76
N LYS A 86 -11.53 -25.80 3.08
CA LYS A 86 -11.75 -24.68 3.97
C LYS A 86 -10.50 -23.84 4.06
N THR A 87 -10.64 -22.52 4.23
CA THR A 87 -9.47 -21.66 4.44
C THR A 87 -8.84 -21.96 5.79
N LEU A 88 -7.56 -22.25 5.80
CA LEU A 88 -6.89 -22.78 6.98
C LEU A 88 -6.62 -21.69 8.04
N VAL A 89 -6.06 -20.56 7.61
CA VAL A 89 -5.62 -19.46 8.48
C VAL A 89 -6.48 -18.22 8.22
N SER A 90 -7.07 -17.69 9.28
CA SER A 90 -7.99 -16.55 9.20
C SER A 90 -7.38 -15.22 9.70
N VAL A 91 -6.11 -15.26 10.12
CA VAL A 91 -5.42 -14.08 10.61
C VAL A 91 -4.38 -13.64 9.57
N GLU A 92 -3.75 -12.48 9.78
CA GLU A 92 -2.83 -11.89 8.83
C GLU A 92 -1.36 -12.17 9.15
N ALA A 93 -1.08 -12.43 10.45
CA ALA A 93 0.26 -12.65 10.93
C ALA A 93 0.21 -13.41 12.26
N GLY A 94 1.26 -14.14 12.57
CA GLY A 94 1.39 -14.78 13.88
C GLY A 94 2.65 -15.64 13.97
N ASN A 95 2.71 -16.45 15.01
CA ASN A 95 3.78 -17.43 15.18
C ASN A 95 3.14 -18.75 15.60
N ALA A 96 3.46 -19.82 14.88
CA ALA A 96 2.92 -21.15 15.16
C ALA A 96 3.81 -22.21 14.56
N LYS A 97 3.74 -23.42 15.11
CA LYS A 97 4.44 -24.58 14.56
C LYS A 97 3.57 -25.29 13.53
N GLY A 98 2.31 -24.90 13.45
CA GLY A 98 1.39 -25.55 12.54
C GLY A 98 0.05 -24.86 12.51
N PHE A 99 -0.83 -25.35 11.65
CA PHE A 99 -2.14 -24.77 11.41
C PHE A 99 -3.18 -25.89 11.42
N VAL A 100 -4.18 -25.76 12.29
CA VAL A 100 -5.26 -26.72 12.40
C VAL A 100 -6.52 -26.20 11.73
N CYS A 101 -7.13 -27.04 10.90
CA CYS A 101 -8.37 -26.66 10.23
C CYS A 101 -9.55 -26.73 11.17
N SER A 102 -10.36 -25.67 11.15
CA SER A 102 -11.50 -25.53 12.04
C SER A 102 -12.72 -26.37 11.61
N TYR A 103 -12.64 -27.05 10.45
CA TYR A 103 -13.77 -27.82 9.98
C TYR A 103 -13.70 -29.24 10.61
N HIS A 104 -12.73 -30.03 10.21
CA HIS A 104 -12.55 -31.38 10.79
C HIS A 104 -11.24 -31.58 11.56
N GLY A 105 -10.50 -30.51 11.83
CA GLY A 105 -9.36 -30.60 12.75
C GLY A 105 -8.06 -31.17 12.21
N TRP A 106 -7.92 -31.30 10.89
CA TRP A 106 -6.65 -31.70 10.26
C TRP A 106 -5.54 -30.72 10.62
N GLY A 107 -4.35 -31.24 10.97
CA GLY A 107 -3.28 -30.37 11.43
C GLY A 107 -2.11 -30.47 10.49
N PHE A 108 -1.71 -29.31 9.97
CA PHE A 108 -0.61 -29.16 9.04
C PHE A 108 0.56 -28.48 9.75
N GLY A 109 1.77 -28.91 9.39
CA GLY A 109 2.98 -28.31 9.91
C GLY A 109 3.21 -26.94 9.30
N SER A 110 4.06 -26.16 9.92
CA SER A 110 4.63 -24.96 9.31
C SER A 110 5.35 -25.25 7.97
N ASN A 111 5.79 -26.50 7.81
CA ASN A 111 6.36 -26.99 6.56
C ASN A 111 5.34 -27.56 5.57
N GLY A 112 4.05 -27.34 5.82
CA GLY A 112 3.02 -27.78 4.91
C GLY A 112 2.58 -29.24 5.05
N GLU A 113 3.30 -30.04 5.82
CA GLU A 113 3.02 -31.48 5.87
C GLU A 113 1.75 -31.74 6.67
N LEU A 114 0.95 -32.71 6.23
CA LEU A 114 -0.20 -33.16 7.01
C LEU A 114 0.37 -34.01 8.15
N GLN A 115 0.34 -33.44 9.35
CA GLN A 115 0.98 -34.04 10.53
C GLN A 115 0.02 -34.83 11.38
N SER A 116 -1.21 -34.36 11.49
CA SER A 116 -2.21 -35.09 12.26
C SER A 116 -3.58 -34.99 11.67
N VAL A 117 -4.34 -36.05 11.91
CA VAL A 117 -5.70 -36.18 11.50
C VAL A 117 -6.43 -36.71 12.75
N PRO A 118 -7.48 -36.01 13.21
CA PRO A 118 -8.14 -36.50 14.42
C PRO A 118 -8.66 -37.93 14.30
N PHE A 119 -8.34 -38.75 15.30
CA PHE A 119 -8.78 -40.15 15.38
C PHE A 119 -8.38 -40.95 14.14
N GLU A 120 -7.21 -40.64 13.59
CA GLU A 120 -6.77 -41.25 12.35
C GLU A 120 -6.81 -42.79 12.42
N LYS A 121 -6.32 -43.34 13.51
CA LYS A 121 -6.26 -44.80 13.68
C LYS A 121 -7.65 -45.44 13.61
N ASP A 122 -8.57 -44.91 14.40
CA ASP A 122 -9.93 -45.44 14.46
C ASP A 122 -10.71 -45.24 13.16
N LEU A 123 -10.42 -44.16 12.43
CA LEU A 123 -11.23 -43.76 11.29
C LEU A 123 -10.64 -44.20 9.95
N TYR A 124 -9.38 -43.81 9.72
CA TYR A 124 -8.71 -44.12 8.46
C TYR A 124 -7.85 -45.39 8.55
N GLY A 125 -7.52 -45.83 9.77
CA GLY A 125 -6.56 -46.90 9.96
C GLY A 125 -5.20 -46.48 9.39
N GLU A 126 -4.65 -47.29 8.51
CA GLU A 126 -3.37 -46.99 7.85
C GLU A 126 -3.57 -46.55 6.41
N SER A 127 -4.82 -46.28 6.03
CA SER A 127 -5.19 -46.05 4.64
C SER A 127 -4.99 -44.62 4.14
N LEU A 128 -4.82 -43.66 5.05
CA LEU A 128 -4.67 -42.27 4.63
C LEU A 128 -3.21 -41.98 4.35
N ASN A 129 -2.89 -41.67 3.09
CA ASN A 129 -1.51 -41.40 2.76
C ASN A 129 -1.19 -39.93 2.98
N LYS A 130 -0.89 -39.61 4.24
CA LYS A 130 -0.63 -38.22 4.67
C LYS A 130 0.50 -37.57 3.90
N LYS A 131 1.49 -38.36 3.51
CA LYS A 131 2.62 -37.89 2.71
C LYS A 131 2.21 -37.20 1.41
N CYS A 132 1.06 -37.57 0.88
CA CYS A 132 0.55 -37.02 -0.36
C CYS A 132 -0.48 -35.92 -0.14
N LEU A 133 -0.67 -35.53 1.11
CA LEU A 133 -1.76 -34.62 1.47
C LEU A 133 -1.22 -33.35 2.09
N GLY A 134 0.03 -33.02 1.79
CA GLY A 134 0.59 -31.75 2.25
C GLY A 134 -0.06 -30.56 1.56
N LEU A 135 -0.03 -29.40 2.19
CA LEU A 135 -0.60 -28.21 1.54
C LEU A 135 0.05 -27.96 0.18
N LYS A 136 -0.73 -27.42 -0.75
CA LYS A 136 -0.22 -27.13 -2.08
C LYS A 136 0.81 -26.00 -2.00
N GLU A 137 2.06 -26.32 -2.36
CA GLU A 137 3.19 -25.43 -2.11
C GLU A 137 3.47 -24.55 -3.31
N VAL A 138 3.78 -23.30 -3.01
CA VAL A 138 4.29 -22.38 -4.01
C VAL A 138 5.65 -22.89 -4.47
N ALA A 139 5.75 -23.19 -5.77
CA ALA A 139 6.94 -23.85 -6.32
C ALA A 139 8.22 -23.09 -6.07
N ARG A 140 8.15 -21.77 -6.10
CA ARG A 140 9.36 -20.93 -6.06
C ARG A 140 9.21 -19.77 -5.10
N VAL A 141 10.22 -19.59 -4.24
CA VAL A 141 10.28 -18.56 -3.21
C VAL A 141 11.74 -18.11 -3.12
N GLU A 142 11.99 -16.85 -3.47
CA GLU A 142 13.33 -16.29 -3.46
C GLU A 142 13.29 -14.89 -2.85
N SER A 143 14.47 -14.44 -2.46
CA SER A 143 14.65 -13.21 -1.74
C SER A 143 15.52 -12.26 -2.56
N PHE A 144 15.12 -10.99 -2.57
CA PHE A 144 15.95 -9.89 -3.06
C PHE A 144 16.24 -8.98 -1.87
N HIS A 145 17.37 -9.21 -1.24
CA HIS A 145 17.79 -8.41 -0.07
C HIS A 145 16.73 -8.30 1.03
N GLY A 146 16.09 -9.42 1.31
CA GLY A 146 15.11 -9.54 2.37
C GLY A 146 13.68 -9.44 1.86
N PHE A 147 13.50 -9.00 0.63
CA PHE A 147 12.17 -8.87 0.06
C PHE A 147 11.83 -10.18 -0.60
N ILE A 148 10.78 -10.83 -0.12
CA ILE A 148 10.46 -12.21 -0.48
C ILE A 148 9.36 -12.23 -1.53
N TYR A 149 9.64 -12.91 -2.66
CA TYR A 149 8.69 -13.04 -3.76
C TYR A 149 8.40 -14.51 -3.97
N GLY A 150 7.21 -14.81 -4.49
CA GLY A 150 6.82 -16.14 -4.84
C GLY A 150 6.40 -16.28 -6.27
N CYS A 151 6.46 -17.49 -6.78
CA CYS A 151 6.01 -17.77 -8.13
C CYS A 151 5.49 -19.18 -8.19
N PHE A 152 4.30 -19.35 -8.74
CA PHE A 152 3.68 -20.66 -8.86
C PHE A 152 4.31 -21.49 -9.98
N ASP A 153 5.00 -20.83 -10.91
CA ASP A 153 5.55 -21.50 -12.09
C ASP A 153 7.03 -21.89 -11.89
N GLN A 154 7.27 -23.20 -11.75
CA GLN A 154 8.60 -23.73 -11.56
C GLN A 154 9.58 -23.35 -12.68
N GLU A 155 9.06 -23.04 -13.86
CA GLU A 155 9.90 -22.68 -15.03
C GLU A 155 10.36 -21.23 -15.09
N ALA A 156 9.90 -20.40 -14.15
CA ALA A 156 10.28 -19.00 -14.17
C ALA A 156 11.79 -18.81 -14.04
N PRO A 157 12.28 -17.69 -14.56
CA PRO A 157 13.67 -17.32 -14.29
C PRO A 157 13.89 -17.07 -12.82
N PRO A 158 15.12 -17.24 -12.33
CA PRO A 158 15.41 -16.79 -10.99
C PRO A 158 15.02 -15.33 -10.84
N LEU A 159 14.64 -14.95 -9.63
CA LEU A 159 14.16 -13.60 -9.33
C LEU A 159 15.15 -12.55 -9.80
N MET A 160 16.43 -12.76 -9.51
CA MET A 160 17.45 -11.82 -9.95
C MET A 160 17.46 -11.61 -11.45
N ASP A 161 17.38 -12.69 -12.22
CA ASP A 161 17.34 -12.56 -13.68
C ASP A 161 16.06 -11.89 -14.14
N TYR A 162 14.98 -12.18 -13.42
CA TYR A 162 13.68 -11.60 -13.73
C TYR A 162 13.67 -10.09 -13.55
N LEU A 163 14.39 -9.61 -12.55
CA LEU A 163 14.54 -8.16 -12.34
C LEU A 163 15.32 -7.49 -13.49
N GLY A 164 16.15 -8.27 -14.18
CA GLY A 164 16.91 -7.80 -15.34
C GLY A 164 17.64 -6.50 -15.04
N ASP A 165 17.56 -5.54 -15.97
CA ASP A 165 18.28 -4.29 -15.85
C ASP A 165 17.77 -3.41 -14.71
N ALA A 166 16.57 -3.68 -14.19
CA ALA A 166 16.08 -2.92 -13.03
C ALA A 166 16.90 -3.16 -11.75
N ALA A 167 17.46 -4.36 -11.58
CA ALA A 167 18.21 -4.69 -10.35
C ALA A 167 19.37 -3.74 -10.05
N TRP A 168 20.07 -3.33 -11.10
CA TRP A 168 21.21 -2.40 -10.99
C TRP A 168 20.81 -1.07 -10.31
N TYR A 169 19.60 -0.59 -10.63
CA TYR A 169 19.07 0.66 -10.06
C TYR A 169 18.60 0.49 -8.62
N LEU A 170 18.06 -0.70 -8.30
CA LEU A 170 17.54 -0.96 -6.95
C LEU A 170 18.66 -1.24 -5.93
N GLU A 171 19.75 -1.83 -6.40
CA GLU A 171 20.79 -2.34 -5.51
C GLU A 171 21.42 -1.30 -4.54
N PRO A 172 21.70 -0.07 -5.02
CA PRO A 172 22.24 0.90 -4.03
C PRO A 172 21.39 1.09 -2.77
N MET A 173 20.08 1.29 -2.94
CA MET A 173 19.13 1.33 -1.81
C MET A 173 18.87 -0.04 -1.17
N PHE A 174 18.69 -1.09 -1.96
CA PHE A 174 18.30 -2.38 -1.41
C PHE A 174 19.46 -3.17 -0.79
N LYS A 175 20.66 -2.96 -1.32
CA LYS A 175 21.86 -3.68 -0.86
C LYS A 175 22.92 -2.79 -0.20
N HIS A 176 23.40 -1.79 -0.93
CA HIS A 176 24.58 -1.03 -0.48
C HIS A 176 24.30 -0.06 0.68
N SER A 177 23.02 0.22 0.94
CA SER A 177 22.62 1.04 2.08
C SER A 177 22.78 0.34 3.42
N GLY A 178 23.07 -0.96 3.40
CA GLY A 178 23.07 -1.73 4.60
C GLY A 178 21.81 -2.57 4.73
N GLY A 179 20.86 -2.36 3.83
CA GLY A 179 19.59 -3.09 3.85
C GLY A 179 18.39 -2.31 4.36
N LEU A 180 17.22 -2.75 3.90
CA LEU A 180 15.97 -2.11 4.22
C LEU A 180 15.13 -3.06 5.07
N GLU A 181 14.21 -2.47 5.82
CA GLU A 181 13.20 -3.19 6.59
C GLU A 181 11.85 -2.76 6.06
N LEU A 182 10.88 -3.67 6.06
CA LEU A 182 9.50 -3.34 5.74
C LEU A 182 8.79 -3.14 7.06
N VAL A 183 8.12 -2.00 7.20
CA VAL A 183 7.37 -1.67 8.41
C VAL A 183 5.92 -2.00 8.13
N GLY A 184 5.44 -2.99 8.88
CA GLY A 184 4.06 -3.42 8.87
C GLY A 184 3.29 -2.88 10.06
N PRO A 185 2.00 -3.23 10.13
CA PRO A 185 1.26 -3.95 9.13
C PRO A 185 0.92 -2.96 8.01
N PRO A 186 0.53 -3.48 6.84
CA PRO A 186 0.19 -2.59 5.74
C PRO A 186 -1.19 -1.96 5.93
N GLY A 187 -1.40 -0.80 5.37
CA GLY A 187 -2.78 -0.37 5.13
C GLY A 187 -3.38 -1.25 4.04
N LYS A 188 -4.69 -1.43 4.08
CA LYS A 188 -5.40 -2.20 3.06
C LYS A 188 -6.69 -1.46 2.68
N VAL A 189 -6.83 -1.15 1.39
CA VAL A 189 -7.97 -0.42 0.85
C VAL A 189 -8.33 -0.96 -0.53
N VAL A 190 -9.62 -1.15 -0.76
CA VAL A 190 -10.12 -1.54 -2.08
C VAL A 190 -10.44 -0.30 -2.91
N ILE A 191 -9.93 -0.28 -4.14
CA ILE A 191 -10.25 0.76 -5.09
C ILE A 191 -10.93 0.14 -6.30
N LYS A 192 -11.72 0.94 -7.01
CA LYS A 192 -12.46 0.42 -8.15
C LYS A 192 -11.69 0.66 -9.45
N ALA A 193 -10.47 0.13 -9.46
CA ALA A 193 -9.56 0.28 -10.59
C ALA A 193 -9.01 -1.09 -10.92
N ASN A 194 -8.58 -1.24 -12.16
CA ASN A 194 -7.83 -2.39 -12.62
C ASN A 194 -6.43 -2.28 -12.02
N TRP A 195 -5.83 -3.42 -11.67
CA TRP A 195 -4.50 -3.45 -11.08
C TRP A 195 -3.43 -2.78 -11.97
N LYS A 196 -3.65 -2.80 -13.29
CA LYS A 196 -2.68 -2.21 -14.24
C LYS A 196 -2.65 -0.67 -14.15
N ALA A 197 -3.76 -0.06 -13.72
CA ALA A 197 -3.80 1.40 -13.67
C ALA A 197 -2.76 1.95 -12.66
N PRO A 198 -2.79 1.48 -11.40
CA PRO A 198 -1.70 1.96 -10.52
C PRO A 198 -0.32 1.41 -10.90
N ALA A 199 -0.28 0.17 -11.37
CA ALA A 199 0.98 -0.45 -11.82
C ALA A 199 1.69 0.42 -12.89
N GLU A 200 0.95 0.86 -13.89
CA GLU A 200 1.54 1.64 -15.00
C GLU A 200 1.94 3.01 -14.47
N ASN A 201 1.19 3.51 -13.51
CA ASN A 201 1.38 4.87 -13.03
C ASN A 201 2.69 4.90 -12.27
N PHE A 202 2.87 3.95 -11.35
CA PHE A 202 4.13 3.87 -10.61
C PHE A 202 5.33 3.48 -11.48
N VAL A 203 5.14 2.66 -12.50
CA VAL A 203 6.30 2.24 -13.29
C VAL A 203 6.93 3.35 -14.08
N GLY A 204 6.14 4.33 -14.42
CA GLY A 204 6.52 5.13 -15.51
C GLY A 204 5.99 6.53 -15.61
N ASP A 205 5.19 7.00 -14.66
CA ASP A 205 4.36 8.15 -14.88
C ASP A 205 4.83 9.36 -14.06
N ALA A 206 5.85 10.05 -14.53
CA ALA A 206 6.24 11.32 -13.90
C ALA A 206 5.38 12.48 -14.45
N TYR A 207 4.82 12.29 -15.63
CA TYR A 207 4.06 13.36 -16.31
C TYR A 207 2.90 13.84 -15.48
N HIS A 208 2.26 12.92 -14.75
CA HIS A 208 1.04 13.26 -14.03
C HIS A 208 1.31 14.08 -12.77
N VAL A 209 2.53 14.03 -12.25
CA VAL A 209 2.78 14.46 -10.87
C VAL A 209 2.40 15.91 -10.63
N GLY A 210 2.90 16.82 -11.46
CA GLY A 210 2.59 18.26 -11.31
C GLY A 210 1.10 18.62 -11.36
N TRP A 211 0.34 17.92 -12.20
CA TRP A 211 -1.07 18.25 -12.40
C TRP A 211 -1.97 17.46 -11.45
N THR A 212 -1.87 16.13 -11.45
CA THR A 212 -2.65 15.26 -10.55
C THR A 212 -2.43 15.64 -9.08
N HIS A 213 -1.17 15.84 -8.72
CA HIS A 213 -0.80 16.09 -7.32
C HIS A 213 -0.58 17.56 -7.00
N ALA A 214 -1.12 18.45 -7.84
CA ALA A 214 -0.94 19.91 -7.63
C ALA A 214 -1.23 20.34 -6.20
N SER A 215 -2.36 19.88 -5.66
CA SER A 215 -2.81 20.28 -4.33
C SER A 215 -1.91 19.71 -3.23
N SER A 216 -1.43 18.48 -3.41
CA SER A 216 -0.59 17.81 -2.42
C SER A 216 0.84 18.41 -2.41
N LEU A 217 1.33 18.65 -3.62
CA LEU A 217 2.59 19.38 -3.83
C LEU A 217 2.54 20.74 -3.11
N ARG A 218 1.56 21.56 -3.44
CA ARG A 218 1.35 22.89 -2.86
C ARG A 218 1.16 22.90 -1.34
N SER A 219 0.38 21.96 -0.81
CA SER A 219 -0.02 22.00 0.60
C SER A 219 1.04 21.37 1.45
N GLY A 220 1.69 20.41 0.86
CA GLY A 220 2.15 19.33 1.62
C GLY A 220 3.59 19.47 1.93
N GLU A 221 4.24 20.48 1.38
CA GLU A 221 5.54 20.82 1.84
C GLU A 221 6.82 20.40 0.96
N SER A 222 6.66 19.45 0.08
CA SER A 222 7.74 18.54 -0.19
C SER A 222 8.85 19.06 -1.11
N ILE A 223 9.88 18.28 -1.37
CA ILE A 223 11.06 18.68 -2.11
C ILE A 223 10.71 18.94 -3.58
N PHE A 224 9.82 18.04 -4.21
CA PHE A 224 9.37 18.11 -5.60
C PHE A 224 8.25 19.14 -5.85
N SER A 225 8.06 20.06 -4.91
CA SER A 225 6.92 20.96 -4.87
C SER A 225 6.88 22.08 -5.91
N SER A 226 8.01 22.33 -6.59
CA SER A 226 8.05 23.32 -7.70
C SER A 226 7.16 22.91 -8.87
N LEU A 227 6.76 21.65 -8.90
CA LEU A 227 5.98 21.13 -10.00
C LEU A 227 4.49 21.48 -9.88
N ALA A 228 4.04 21.94 -8.71
CA ALA A 228 2.59 22.08 -8.46
C ALA A 228 1.87 22.83 -9.57
N GLY A 229 0.83 22.20 -10.11
CA GLY A 229 0.00 22.81 -11.15
C GLY A 229 0.75 23.05 -12.44
N ASN A 230 1.79 22.26 -12.70
CA ASN A 230 2.65 22.41 -13.88
C ASN A 230 3.26 23.80 -13.99
N ALA A 231 3.60 24.35 -12.83
CA ALA A 231 4.17 25.69 -12.74
C ALA A 231 5.60 25.67 -13.27
N ALA A 232 6.25 24.52 -13.16
CA ALA A 232 7.63 24.36 -13.58
C ALA A 232 7.91 22.94 -14.07
N LEU A 233 8.66 22.86 -15.16
CA LEU A 233 9.13 21.60 -15.72
C LEU A 233 10.48 21.34 -15.08
N PRO A 234 10.71 20.10 -14.59
CA PRO A 234 12.06 19.82 -14.09
C PRO A 234 13.12 20.14 -15.14
N PRO A 235 14.31 20.54 -14.68
CA PRO A 235 15.37 20.91 -15.61
C PRO A 235 15.82 19.70 -16.40
N GLU A 236 16.49 19.93 -17.53
CA GLU A 236 17.05 18.82 -18.30
C GLU A 236 18.06 18.14 -17.38
N GLY A 237 18.17 16.83 -17.54
CA GLY A 237 19.03 16.03 -16.70
C GLY A 237 18.52 15.88 -15.28
N ALA A 238 17.24 16.17 -15.04
CA ALA A 238 16.66 16.00 -13.71
C ALA A 238 16.44 14.52 -13.41
N GLY A 239 16.43 13.70 -14.45
CA GLY A 239 16.20 12.28 -14.26
C GLY A 239 16.22 11.46 -15.50
N LEU A 240 15.81 10.20 -15.36
CA LEU A 240 15.75 9.30 -16.48
C LEU A 240 14.66 8.27 -16.25
N GLN A 241 14.44 7.46 -17.28
CA GLN A 241 13.45 6.39 -17.22
C GLN A 241 14.11 5.13 -17.71
N MET A 242 13.74 3.98 -17.14
CA MET A 242 14.26 2.72 -17.65
C MET A 242 13.21 1.62 -17.68
N THR A 243 13.46 0.62 -18.51
CA THR A 243 12.66 -0.58 -18.54
C THR A 243 13.50 -1.79 -18.94
N SER A 244 12.90 -2.97 -18.85
CA SER A 244 13.65 -4.21 -18.85
C SER A 244 12.87 -5.30 -19.55
N LYS A 245 13.54 -6.41 -19.77
CA LYS A 245 13.03 -7.49 -20.59
C LYS A 245 11.74 -8.09 -20.03
N TYR A 246 11.71 -8.31 -18.72
CA TYR A 246 10.60 -9.00 -18.06
C TYR A 246 9.60 -8.03 -17.48
N GLY A 247 9.69 -6.75 -17.87
CA GLY A 247 8.59 -5.79 -17.73
C GLY A 247 8.76 -4.79 -16.60
N SER A 248 9.67 -5.09 -15.67
CA SER A 248 9.98 -4.15 -14.56
C SER A 248 10.63 -2.89 -15.08
N GLY A 249 10.37 -1.78 -14.41
CA GLY A 249 10.83 -0.49 -14.86
C GLY A 249 10.70 0.57 -13.79
N MET A 250 11.33 1.71 -14.02
CA MET A 250 11.25 2.80 -13.06
C MET A 250 11.67 4.12 -13.65
N GLY A 251 11.22 5.17 -12.97
CA GLY A 251 11.75 6.51 -13.13
C GLY A 251 12.78 6.80 -12.04
N VAL A 252 13.73 7.64 -12.41
CA VAL A 252 14.78 8.09 -11.53
C VAL A 252 14.71 9.62 -11.48
N LEU A 253 14.46 10.17 -10.31
CA LEU A 253 14.52 11.61 -10.12
C LEU A 253 15.75 11.91 -9.27
N TRP A 254 16.78 12.44 -9.90
CA TRP A 254 18.08 12.63 -9.26
C TRP A 254 17.98 13.42 -7.94
N ASP A 255 18.57 12.87 -6.89
CA ASP A 255 18.81 13.57 -5.62
C ASP A 255 17.59 13.72 -4.71
N GLY A 256 16.40 13.29 -5.16
CA GLY A 256 15.15 13.54 -4.42
C GLY A 256 14.91 12.65 -3.21
N TYR A 257 15.90 12.58 -2.34
CA TYR A 257 15.92 11.66 -1.20
C TYR A 257 14.79 11.89 -0.18
N SER A 258 14.32 13.14 -0.05
CA SER A 258 13.21 13.40 0.88
C SER A 258 11.85 13.07 0.25
N GLY A 259 11.85 12.88 -1.07
CA GLY A 259 10.67 12.35 -1.75
C GLY A 259 9.41 13.16 -1.47
N VAL A 260 8.30 12.48 -1.18
CA VAL A 260 7.04 13.18 -0.96
C VAL A 260 6.90 13.71 0.45
N HIS A 261 7.93 13.53 1.28
CA HIS A 261 7.80 13.88 2.69
C HIS A 261 7.74 15.38 2.90
N SER A 262 6.88 15.77 3.83
CA SER A 262 6.63 17.17 4.07
C SER A 262 7.87 17.76 4.72
N ALA A 263 7.93 19.08 4.74
CA ALA A 263 9.10 19.81 5.14
C ALA A 263 9.51 19.48 6.56
N ASP A 264 8.57 18.94 7.35
CA ASP A 264 8.94 18.46 8.69
C ASP A 264 10.03 17.35 8.69
N LEU A 265 10.21 16.66 7.56
CA LEU A 265 11.24 15.59 7.46
C LEU A 265 12.39 15.90 6.47
N VAL A 266 12.22 16.93 5.67
CA VAL A 266 13.17 17.22 4.59
C VAL A 266 14.63 17.42 5.06
N PRO A 267 14.88 18.30 6.03
CA PRO A 267 16.25 18.54 6.51
C PRO A 267 16.96 17.27 7.02
N GLU A 268 16.28 16.53 7.88
CA GLU A 268 16.79 15.30 8.45
C GLU A 268 17.11 14.25 7.40
N LEU A 269 16.17 14.01 6.51
CA LEU A 269 16.39 13.07 5.42
C LEU A 269 17.54 13.47 4.49
N MET A 270 17.52 14.71 3.99
CA MET A 270 18.57 15.15 3.08
C MET A 270 19.94 15.08 3.72
N ALA A 271 20.01 15.29 5.04
CA ALA A 271 21.25 15.09 5.77
C ALA A 271 21.67 13.63 5.81
N PHE A 272 20.72 12.76 6.18
CA PHE A 272 21.00 11.31 6.32
C PHE A 272 21.43 10.68 5.00
N GLY A 273 20.69 10.95 3.92
CA GLY A 273 21.01 10.38 2.62
C GLY A 273 22.32 10.89 2.07
N GLY A 274 22.58 12.17 2.27
CA GLY A 274 23.81 12.77 1.81
C GLY A 274 25.03 12.17 2.49
N ALA A 275 24.93 11.99 3.81
CA ALA A 275 26.00 11.36 4.61
C ALA A 275 26.31 9.94 4.12
N LYS A 276 25.26 9.16 3.90
CA LYS A 276 25.46 7.80 3.42
C LYS A 276 26.05 7.76 2.01
N GLN A 277 25.55 8.64 1.15
CA GLN A 277 26.07 8.77 -0.21
C GLN A 277 27.59 9.05 -0.21
N GLU A 278 28.02 9.88 0.73
CA GLU A 278 29.44 10.24 0.84
C GLU A 278 30.27 9.00 1.13
N ARG A 279 29.81 8.14 2.04
CA ARG A 279 30.49 6.86 2.30
C ARG A 279 30.42 5.90 1.11
N LEU A 280 29.25 5.83 0.45
CA LEU A 280 29.05 4.93 -0.70
C LEU A 280 29.85 5.30 -1.95
N ASN A 281 30.18 6.58 -2.15
CA ASN A 281 31.02 6.98 -3.28
C ASN A 281 32.27 6.11 -3.42
N LYS A 282 32.87 5.81 -2.28
CA LYS A 282 34.12 5.05 -2.19
C LYS A 282 33.92 3.58 -2.52
N GLU A 283 32.70 3.08 -2.32
CA GLU A 283 32.43 1.65 -2.40
C GLU A 283 31.84 1.27 -3.73
N ILE A 284 30.86 2.04 -4.20
CA ILE A 284 30.18 1.69 -5.42
C ILE A 284 30.30 2.73 -6.52
N GLY A 285 31.03 3.81 -6.26
CA GLY A 285 31.23 4.84 -7.27
C GLY A 285 30.19 5.94 -7.20
N ASP A 286 30.53 7.09 -7.76
CA ASP A 286 29.70 8.29 -7.61
C ASP A 286 28.31 8.15 -8.21
N VAL A 287 28.21 7.57 -9.41
CA VAL A 287 26.91 7.48 -10.07
C VAL A 287 25.96 6.59 -9.22
N ARG A 288 26.43 5.42 -8.79
CA ARG A 288 25.56 4.51 -8.06
C ARG A 288 25.26 5.03 -6.66
N ALA A 289 26.22 5.73 -6.05
CA ALA A 289 25.94 6.36 -4.74
C ALA A 289 24.88 7.44 -4.89
N ARG A 290 24.88 8.12 -6.03
CA ARG A 290 23.88 9.14 -6.32
C ARG A 290 22.52 8.47 -6.53
N ILE A 291 22.48 7.38 -7.30
CA ILE A 291 21.24 6.60 -7.46
C ILE A 291 20.65 6.18 -6.11
N TYR A 292 21.49 5.72 -5.17
CA TYR A 292 21.00 5.37 -3.82
C TYR A 292 20.06 6.47 -3.27
N ARG A 293 20.47 7.74 -3.37
CA ARG A 293 19.72 8.85 -2.78
C ARG A 293 18.89 9.60 -3.80
N SER A 294 18.55 8.90 -4.88
CA SER A 294 17.64 9.42 -5.86
C SER A 294 16.29 8.66 -5.77
N HIS A 295 15.23 9.39 -6.08
CA HIS A 295 13.86 8.92 -5.95
C HIS A 295 13.55 8.02 -7.13
N LEU A 296 13.24 6.75 -6.85
CA LEU A 296 12.89 5.78 -7.87
C LEU A 296 11.42 5.43 -7.73
N ASN A 297 10.65 5.66 -8.79
CA ASN A 297 9.25 5.18 -8.85
C ASN A 297 9.29 3.94 -9.73
N CYS A 298 9.05 2.77 -9.14
CA CYS A 298 9.33 1.51 -9.81
C CYS A 298 8.13 0.58 -9.68
N THR A 299 7.89 -0.20 -10.75
CA THR A 299 7.03 -1.36 -10.67
C THR A 299 7.86 -2.59 -10.97
N VAL A 300 7.87 -3.52 -10.01
CA VAL A 300 8.38 -4.87 -10.24
C VAL A 300 7.19 -5.63 -10.81
N PHE A 301 7.29 -5.94 -12.09
CA PHE A 301 6.23 -6.64 -12.82
C PHE A 301 5.77 -7.88 -12.07
N PRO A 302 4.46 -8.13 -12.05
CA PRO A 302 3.38 -7.30 -12.60
C PRO A 302 2.83 -6.20 -11.68
N ASN A 303 2.72 -6.48 -10.37
CA ASN A 303 1.82 -5.69 -9.51
C ASN A 303 2.41 -5.26 -8.17
N ASN A 304 3.73 -5.10 -8.10
CA ASN A 304 4.39 -4.60 -6.89
C ASN A 304 5.06 -3.30 -7.28
N SER A 305 4.77 -2.22 -6.56
CA SER A 305 5.36 -0.91 -6.89
C SER A 305 5.98 -0.29 -5.63
N MET A 306 6.81 0.72 -5.84
CA MET A 306 7.47 1.37 -4.74
C MET A 306 7.96 2.73 -5.14
N LEU A 307 8.16 3.57 -4.14
CA LEU A 307 8.88 4.84 -4.29
C LEU A 307 10.01 4.78 -3.30
N THR A 308 11.23 4.63 -3.78
CA THR A 308 12.34 4.57 -2.83
C THR A 308 12.54 6.01 -2.33
N CYS A 309 13.17 6.13 -1.17
CA CYS A 309 13.43 7.42 -0.51
C CYS A 309 12.16 7.95 0.12
N SER A 310 11.08 8.05 -0.66
CA SER A 310 9.75 8.27 -0.06
C SER A 310 9.43 7.08 0.88
N GLY A 311 9.86 5.88 0.54
CA GLY A 311 9.62 4.71 1.39
C GLY A 311 8.26 4.05 1.20
N VAL A 312 7.61 4.33 0.07
CA VAL A 312 6.26 3.79 -0.22
C VAL A 312 6.41 2.41 -0.88
N PHE A 313 5.73 1.41 -0.33
CA PHE A 313 5.80 0.06 -0.89
C PHE A 313 4.37 -0.46 -1.05
N LYS A 314 4.01 -0.82 -2.29
CA LYS A 314 2.65 -1.16 -2.70
C LYS A 314 2.50 -2.56 -3.30
N VAL A 315 1.38 -3.19 -2.99
CA VAL A 315 0.95 -4.36 -3.73
C VAL A 315 -0.46 -4.06 -4.28
N TRP A 316 -0.61 -4.18 -5.60
CA TRP A 316 -1.91 -3.97 -6.27
C TRP A 316 -2.56 -5.34 -6.46
N ASN A 317 -3.25 -5.79 -5.42
CA ASN A 317 -3.78 -7.13 -5.43
C ASN A 317 -5.06 -7.22 -6.27
N PRO A 318 -5.08 -8.09 -7.30
CA PRO A 318 -6.23 -8.08 -8.22
C PRO A 318 -7.45 -8.77 -7.64
N ILE A 319 -8.65 -8.22 -7.83
CA ILE A 319 -9.91 -8.87 -7.41
C ILE A 319 -10.78 -9.20 -8.63
N ASP A 320 -11.01 -8.20 -9.46
CA ASP A 320 -11.61 -8.37 -10.78
C ASP A 320 -11.15 -7.22 -11.68
N ALA A 321 -11.66 -7.12 -12.92
CA ALA A 321 -11.11 -6.10 -13.84
C ALA A 321 -11.27 -4.66 -13.34
N ASN A 322 -12.24 -4.39 -12.48
CA ASN A 322 -12.39 -3.02 -11.97
C ASN A 322 -12.34 -2.99 -10.43
N THR A 323 -11.63 -3.95 -9.82
CA THR A 323 -11.45 -3.98 -8.37
C THR A 323 -10.04 -4.45 -7.99
N THR A 324 -9.36 -3.67 -7.15
CA THR A 324 -8.00 -3.94 -6.70
C THR A 324 -7.90 -3.64 -5.18
N GLU A 325 -7.28 -4.54 -4.43
CA GLU A 325 -7.03 -4.34 -3.02
C GLU A 325 -5.58 -3.86 -2.85
N VAL A 326 -5.45 -2.63 -2.39
CA VAL A 326 -4.18 -1.91 -2.33
C VAL A 326 -3.58 -2.11 -0.94
N TRP A 327 -2.41 -2.74 -0.92
CA TRP A 327 -1.64 -2.93 0.32
C TRP A 327 -0.49 -1.91 0.35
N THR A 328 -0.32 -1.18 1.47
CA THR A 328 0.68 -0.13 1.58
C THR A 328 1.53 -0.33 2.81
N TYR A 329 2.82 -0.60 2.59
CA TYR A 329 3.82 -0.69 3.65
C TYR A 329 4.80 0.49 3.54
N ALA A 330 5.62 0.68 4.57
CA ALA A 330 6.70 1.64 4.54
C ALA A 330 8.03 0.87 4.48
N ILE A 331 8.97 1.37 3.70
CA ILE A 331 10.31 0.82 3.70
C ILE A 331 11.22 1.83 4.37
N VAL A 332 12.11 1.35 5.23
CA VAL A 332 13.09 2.21 5.91
C VAL A 332 14.44 1.56 5.83
N GLU A 333 15.49 2.37 5.91
CA GLU A 333 16.85 1.86 5.96
C GLU A 333 17.14 1.39 7.38
N LYS A 334 17.69 0.16 7.50
CA LYS A 334 17.91 -0.47 8.81
C LYS A 334 18.71 0.38 9.78
N ASP A 335 19.74 1.06 9.26
CA ASP A 335 20.61 1.84 10.11
C ASP A 335 20.10 3.26 10.41
N MET A 336 18.87 3.60 10.02
CA MET A 336 18.32 4.86 10.47
C MET A 336 18.00 4.80 11.96
N PRO A 337 18.09 5.93 12.66
CA PRO A 337 17.64 5.92 14.02
C PRO A 337 16.18 5.49 14.13
N GLU A 338 15.85 4.80 15.19
CA GLU A 338 14.50 4.25 15.33
C GLU A 338 13.42 5.33 15.29
N ASP A 339 13.69 6.50 15.86
CA ASP A 339 12.70 7.58 15.88
C ASP A 339 12.41 8.11 14.48
N LEU A 340 13.45 8.15 13.66
CA LEU A 340 13.28 8.55 12.28
C LEU A 340 12.46 7.51 11.50
N LYS A 341 12.76 6.23 11.73
CA LYS A 341 12.02 5.14 11.11
C LYS A 341 10.51 5.26 11.42
N ARG A 342 10.19 5.48 12.68
CA ARG A 342 8.81 5.64 13.11
C ARG A 342 8.14 6.80 12.39
N ARG A 343 8.82 7.95 12.36
CA ARG A 343 8.23 9.11 11.70
C ARG A 343 8.13 8.92 10.19
N LEU A 344 9.12 8.25 9.60
CA LEU A 344 9.09 7.99 8.18
C LEU A 344 7.91 7.07 7.85
N ALA A 345 7.74 6.02 8.64
CA ALA A 345 6.62 5.08 8.47
C ALA A 345 5.28 5.82 8.51
N ASP A 346 5.10 6.67 9.52
CA ASP A 346 3.86 7.45 9.63
C ASP A 346 3.68 8.36 8.42
N SER A 347 4.77 8.96 7.93
CA SER A 347 4.71 9.87 6.79
C SER A 347 4.35 9.16 5.47
N VAL A 348 4.88 7.96 5.28
CA VAL A 348 4.44 7.11 4.17
C VAL A 348 2.92 6.91 4.17
N GLN A 349 2.35 6.60 5.34
CA GLN A 349 0.89 6.36 5.39
C GLN A 349 0.12 7.65 5.27
N ARG A 350 0.67 8.73 5.82
CA ARG A 350 0.10 10.07 5.73
C ARG A 350 -0.08 10.51 4.27
N THR A 351 0.90 10.17 3.42
CA THR A 351 0.89 10.63 2.04
C THR A 351 0.26 9.61 1.10
N PHE A 352 0.58 8.33 1.30
CA PHE A 352 0.20 7.28 0.36
C PHE A 352 -0.58 6.10 0.96
N GLY A 353 -0.97 6.21 2.21
CA GLY A 353 -1.68 5.16 2.90
C GLY A 353 -3.18 5.23 2.68
N PRO A 354 -3.95 4.52 3.50
CA PRO A 354 -5.42 4.55 3.33
C PRO A 354 -6.06 5.97 3.33
N ALA A 355 -5.53 6.86 4.17
CA ALA A 355 -5.88 8.27 4.17
C ALA A 355 -4.72 9.10 3.61
N GLY A 356 -3.95 8.52 2.68
CA GLY A 356 -2.85 9.22 2.04
C GLY A 356 -3.37 10.32 1.17
N PHE A 357 -3.08 11.56 1.50
CA PHE A 357 -3.61 12.66 0.67
C PHE A 357 -3.06 12.70 -0.77
N TRP A 358 -1.81 12.29 -0.98
CA TRP A 358 -1.30 12.17 -2.36
C TRP A 358 -2.04 11.05 -3.08
N GLU A 359 -2.12 9.89 -2.46
CA GLU A 359 -2.75 8.72 -3.05
C GLU A 359 -4.19 9.04 -3.46
N SER A 360 -4.87 9.83 -2.63
CA SER A 360 -6.25 10.20 -2.93
C SER A 360 -6.37 10.98 -4.23
N ASP A 361 -5.37 11.79 -4.55
CA ASP A 361 -5.36 12.53 -5.82
C ASP A 361 -5.47 11.60 -7.03
N ASP A 362 -4.93 10.39 -6.91
CA ASP A 362 -4.87 9.45 -8.03
C ASP A 362 -6.17 8.68 -8.23
N ASN A 363 -7.07 8.68 -7.24
CA ASN A 363 -8.24 7.75 -7.23
C ASN A 363 -9.08 7.86 -8.47
N ASP A 364 -9.60 9.05 -8.78
CA ASP A 364 -10.53 9.19 -9.89
C ASP A 364 -9.86 8.87 -11.19
N ASN A 365 -8.60 9.30 -11.31
CA ASN A 365 -7.80 8.99 -12.50
C ASN A 365 -7.77 7.49 -12.75
N MET A 366 -7.40 6.72 -11.75
CA MET A 366 -7.25 5.26 -11.90
CA MET A 366 -7.25 5.28 -11.99
C MET A 366 -8.60 4.57 -12.08
N GLU A 367 -9.56 4.97 -11.27
CA GLU A 367 -10.89 4.35 -11.29
C GLU A 367 -11.64 4.60 -12.58
N THR A 368 -11.69 5.86 -13.02
CA THR A 368 -12.45 6.18 -14.26
C THR A 368 -11.75 5.61 -15.51
N ALA A 369 -10.42 5.68 -15.55
CA ALA A 369 -9.67 5.10 -16.67
C ALA A 369 -9.95 3.61 -16.78
N SER A 370 -10.03 2.93 -15.63
CA SER A 370 -10.35 1.53 -15.61
C SER A 370 -11.77 1.23 -16.02
N GLN A 371 -12.73 1.95 -15.45
CA GLN A 371 -14.16 1.71 -15.71
C GLN A 371 -14.54 2.06 -17.15
N ASN A 372 -13.87 3.06 -17.70
CA ASN A 372 -14.10 3.42 -19.09
C ASN A 372 -13.73 2.28 -20.04
N GLY A 373 -12.83 1.39 -19.63
CA GLY A 373 -12.46 0.25 -20.46
C GLY A 373 -13.59 -0.75 -20.68
N LYS A 374 -14.66 -0.63 -19.89
CA LYS A 374 -15.87 -1.46 -20.06
C LYS A 374 -16.88 -0.83 -21.02
N LYS A 375 -16.77 0.47 -21.24
CA LYS A 375 -17.77 1.21 -22.00
C LYS A 375 -17.67 0.90 -23.48
N TYR A 376 -18.81 0.68 -24.10
CA TYR A 376 -18.86 0.12 -25.45
C TYR A 376 -18.00 0.89 -26.47
N GLN A 377 -18.12 2.21 -26.48
CA GLN A 377 -17.40 2.99 -27.50
C GLN A 377 -15.92 3.13 -27.21
N SER A 378 -15.49 2.67 -26.04
CA SER A 378 -14.06 2.78 -25.66
C SER A 378 -13.25 1.48 -25.68
N ARG A 379 -13.92 0.33 -25.68
CA ARG A 379 -13.25 -0.95 -25.59
C ARG A 379 -12.13 -1.08 -26.61
N ASP A 380 -12.40 -0.65 -27.85
CA ASP A 380 -11.50 -0.83 -28.96
C ASP A 380 -10.71 0.44 -29.23
N SER A 381 -10.79 1.40 -28.32
CA SER A 381 -9.97 2.60 -28.40
C SER A 381 -8.54 2.36 -27.92
N ASP A 382 -7.65 3.25 -28.31
CA ASP A 382 -6.21 3.13 -28.04
C ASP A 382 -5.71 4.11 -26.97
N LEU A 383 -5.31 3.53 -25.85
CA LEU A 383 -4.56 4.23 -24.79
C LEU A 383 -3.14 4.51 -25.33
N LEU A 384 -2.68 5.74 -25.21
CA LEU A 384 -1.43 6.15 -25.83
C LEU A 384 -0.27 6.14 -24.84
N SER A 385 0.85 5.55 -25.26
CA SER A 385 2.09 5.62 -24.48
C SER A 385 3.32 5.82 -25.38
N ASN A 386 3.25 6.88 -26.19
CA ASN A 386 4.26 7.19 -27.19
C ASN A 386 5.23 8.31 -26.82
N LEU A 387 5.08 8.95 -25.67
CA LEU A 387 5.96 10.06 -25.31
C LEU A 387 7.40 9.57 -25.18
N GLY A 388 8.29 10.19 -25.96
CA GLY A 388 9.72 9.86 -25.92
C GLY A 388 10.12 8.72 -26.83
N PHE A 389 9.17 8.18 -27.57
CA PHE A 389 9.47 7.09 -28.47
C PHE A 389 10.40 7.57 -29.58
N GLY A 390 11.41 6.75 -29.87
CA GLY A 390 12.45 7.10 -30.84
C GLY A 390 13.61 7.85 -30.24
N GLU A 391 13.60 8.05 -28.92
CA GLU A 391 14.73 8.64 -28.22
C GLU A 391 15.29 7.73 -27.14
N ASP A 392 14.74 6.53 -27.01
CA ASP A 392 15.27 5.61 -26.03
C ASP A 392 16.51 4.92 -26.57
N VAL A 393 17.38 4.52 -25.65
CA VAL A 393 18.56 3.75 -25.98
C VAL A 393 18.62 2.43 -25.24
N TYR A 394 19.50 1.56 -25.70
CA TYR A 394 19.83 0.34 -25.00
C TYR A 394 21.37 0.16 -24.96
N GLY A 395 21.89 -0.43 -23.90
CA GLY A 395 23.32 -0.75 -23.78
C GLY A 395 24.20 0.44 -23.50
N ASP A 396 23.64 1.43 -22.80
CA ASP A 396 24.38 2.65 -22.48
C ASP A 396 25.55 2.29 -21.62
N ALA A 397 26.63 3.06 -21.73
CA ALA A 397 27.85 2.78 -20.93
C ALA A 397 27.67 2.94 -19.42
N VAL A 398 26.69 3.75 -18.99
CA VAL A 398 26.51 4.03 -17.58
C VAL A 398 25.21 3.45 -17.03
N TYR A 399 24.12 3.61 -17.78
CA TYR A 399 22.76 3.30 -17.28
C TYR A 399 22.19 2.16 -18.10
N PRO A 400 22.01 0.99 -17.48
CA PRO A 400 21.56 -0.16 -18.24
C PRO A 400 20.05 -0.27 -18.45
N GLY A 401 19.68 -1.09 -19.43
CA GLY A 401 18.28 -1.30 -19.80
C GLY A 401 17.88 -0.50 -21.01
N VAL A 402 16.61 -0.51 -21.37
CA VAL A 402 16.11 0.48 -22.33
C VAL A 402 15.87 1.74 -21.51
N VAL A 403 16.55 2.81 -21.90
CA VAL A 403 16.62 4.03 -21.09
C VAL A 403 16.23 5.26 -21.91
N GLY A 404 15.33 6.07 -21.34
CA GLY A 404 15.11 7.43 -21.83
C GLY A 404 15.83 8.38 -20.90
N LYS A 405 16.74 9.17 -21.45
CA LYS A 405 17.53 10.08 -20.63
C LYS A 405 16.79 11.40 -20.44
N SER A 406 15.59 11.30 -19.88
CA SER A 406 14.76 12.44 -19.51
C SER A 406 13.89 12.01 -18.33
N ALA A 407 13.57 12.98 -17.47
CA ALA A 407 12.79 12.72 -16.27
C ALA A 407 11.36 12.32 -16.58
N ILE A 408 10.79 12.86 -17.64
CA ILE A 408 9.37 12.66 -17.96
C ILE A 408 9.19 12.01 -19.31
N GLY A 409 8.59 10.82 -19.34
CA GLY A 409 8.32 10.15 -20.60
C GLY A 409 7.50 8.90 -20.39
N GLU A 410 7.37 8.11 -21.45
CA GLU A 410 6.54 6.90 -21.39
C GLU A 410 7.34 5.61 -21.73
N THR A 411 8.66 5.71 -21.63
CA THR A 411 9.56 4.57 -21.80
C THR A 411 9.15 3.33 -20.98
N SER A 412 8.86 3.54 -19.71
CA SER A 412 8.61 2.41 -18.82
C SER A 412 7.24 1.79 -19.06
N TYR A 413 6.31 2.59 -19.56
CA TYR A 413 5.02 2.04 -19.99
C TYR A 413 5.22 1.06 -21.13
N ARG A 414 5.99 1.48 -22.13
CA ARG A 414 6.24 0.66 -23.31
C ARG A 414 6.86 -0.68 -22.96
N GLY A 415 7.88 -0.69 -22.10
CA GLY A 415 8.45 -1.94 -21.65
C GLY A 415 7.52 -2.82 -20.82
N PHE A 416 6.74 -2.20 -19.93
CA PHE A 416 5.72 -2.89 -19.13
C PHE A 416 4.74 -3.60 -20.06
N TYR A 417 4.18 -2.85 -20.99
CA TYR A 417 3.16 -3.41 -21.87
C TYR A 417 3.72 -4.36 -22.94
N ARG A 418 4.95 -4.16 -23.40
CA ARG A 418 5.60 -5.18 -24.26
C ARG A 418 5.68 -6.54 -23.52
N ALA A 419 6.14 -6.54 -22.28
CA ALA A 419 6.17 -7.76 -21.44
C ALA A 419 4.76 -8.34 -21.22
N TYR A 420 3.80 -7.49 -20.89
CA TYR A 420 2.41 -7.92 -20.70
C TYR A 420 1.84 -8.66 -21.93
N GLN A 421 1.98 -8.05 -23.11
CA GLN A 421 1.51 -8.65 -24.35
C GLN A 421 2.23 -9.96 -24.67
N ALA A 422 3.53 -10.01 -24.44
CA ALA A 422 4.26 -11.25 -24.69
C ALA A 422 3.77 -12.38 -23.77
N HIS A 423 3.45 -12.07 -22.51
CA HIS A 423 2.87 -13.06 -21.61
C HIS A 423 1.47 -13.50 -22.01
N VAL A 424 0.59 -12.54 -22.31
CA VAL A 424 -0.81 -12.84 -22.58
C VAL A 424 -0.99 -13.70 -23.81
N SER A 425 -0.06 -13.59 -24.75
CA SER A 425 -0.12 -14.36 -26.00
C SER A 425 0.71 -15.66 -25.96
N SER A 426 1.30 -15.98 -24.81
CA SER A 426 2.17 -17.14 -24.65
C SER A 426 1.59 -18.13 -23.64
N SER A 427 1.86 -19.42 -23.86
CA SER A 427 1.35 -20.49 -23.02
C SER A 427 2.28 -20.88 -21.91
N ASN A 428 3.53 -20.45 -21.99
CA ASN A 428 4.53 -20.82 -21.01
C ASN A 428 5.74 -19.88 -21.10
N TRP A 429 6.70 -20.07 -20.21
CA TRP A 429 7.92 -19.26 -20.23
C TRP A 429 8.73 -19.38 -21.51
N ALA A 430 8.77 -20.56 -22.10
CA ALA A 430 9.54 -20.73 -23.35
C ALA A 430 9.01 -19.82 -24.45
N GLU A 431 7.69 -19.79 -24.58
CA GLU A 431 7.03 -18.96 -25.58
C GLU A 431 7.26 -17.47 -25.28
N PHE A 432 7.23 -17.08 -24.00
CA PHE A 432 7.50 -15.68 -23.65
C PHE A 432 8.90 -15.33 -24.13
N GLU A 433 9.86 -16.22 -23.90
CA GLU A 433 11.26 -15.98 -24.26
C GLU A 433 11.35 -15.82 -25.78
N HIS A 434 10.64 -16.68 -26.49
CA HIS A 434 10.66 -16.62 -27.94
C HIS A 434 10.06 -15.31 -28.41
N ALA A 435 8.97 -14.89 -27.77
CA ALA A 435 8.32 -13.63 -28.05
C ALA A 435 9.14 -12.41 -27.60
N SER A 436 10.24 -12.61 -26.87
CA SER A 436 10.97 -11.50 -26.29
C SER A 436 12.44 -11.41 -26.75
N SER A 437 12.80 -12.19 -27.76
CA SER A 437 14.20 -12.32 -28.13
C SER A 437 14.72 -11.06 -28.80
N THR A 438 13.83 -10.17 -29.26
CA THR A 438 14.24 -8.86 -29.74
C THR A 438 13.56 -7.72 -28.98
N TRP A 439 13.43 -7.89 -27.67
CA TRP A 439 12.66 -6.95 -26.84
C TRP A 439 13.20 -5.53 -26.90
N HIS A 440 14.52 -5.38 -26.78
CA HIS A 440 15.07 -4.02 -26.70
C HIS A 440 15.07 -3.32 -28.05
N THR A 441 15.29 -4.08 -29.12
CA THR A 441 15.16 -3.56 -30.47
C THR A 441 13.76 -3.02 -30.74
N GLU A 442 12.76 -3.78 -30.33
CA GLU A 442 11.39 -3.35 -30.50
C GLU A 442 11.15 -2.03 -29.79
N LEU A 443 11.70 -1.87 -28.60
CA LEU A 443 11.46 -0.68 -27.81
C LEU A 443 12.23 0.58 -28.29
N THR A 444 13.33 0.38 -29.01
CA THR A 444 14.15 1.54 -29.43
C THR A 444 14.00 1.93 -30.91
N LYS A 445 13.05 1.31 -31.63
CA LYS A 445 12.79 1.65 -33.03
C LYS A 445 12.66 3.16 -33.31
N THR A 446 12.90 3.52 -34.57
CA THR A 446 12.80 4.90 -35.08
C THR A 446 13.80 5.83 -34.41
N ILE B 3 -14.51 -4.16 35.26
CA ILE B 3 -14.59 -5.47 34.56
C ILE B 3 -13.42 -6.34 34.99
N ASN B 4 -13.63 -7.65 35.15
CA ASN B 4 -12.51 -8.56 35.35
C ASN B 4 -12.16 -9.24 34.02
N ILE B 5 -11.03 -8.87 33.42
CA ILE B 5 -10.71 -9.34 32.07
C ILE B 5 -10.18 -10.77 32.07
N GLN B 6 -9.92 -11.32 33.25
CA GLN B 6 -9.60 -12.73 33.35
C GLN B 6 -10.88 -13.54 33.19
N GLU B 7 -12.00 -13.00 33.63
CA GLU B 7 -13.28 -13.69 33.46
C GLU B 7 -13.96 -13.32 32.12
N ASP B 8 -13.98 -12.02 31.82
CA ASP B 8 -14.55 -11.53 30.56
C ASP B 8 -13.43 -11.61 29.52
N LYS B 9 -13.26 -12.80 28.97
CA LYS B 9 -12.05 -13.18 28.22
C LYS B 9 -11.85 -12.39 26.94
N LEU B 10 -12.90 -11.80 26.40
CA LEU B 10 -12.80 -11.09 25.12
C LEU B 10 -12.45 -9.62 25.31
N VAL B 11 -12.40 -9.14 26.55
CA VAL B 11 -12.21 -7.70 26.80
C VAL B 11 -10.72 -7.35 26.93
N SER B 12 -10.29 -6.34 26.17
CA SER B 12 -8.94 -5.83 26.29
C SER B 12 -8.74 -5.00 27.57
N ALA B 13 -7.50 -4.97 28.06
CA ALA B 13 -7.15 -4.12 29.20
C ALA B 13 -7.53 -2.66 28.93
N HIS B 14 -7.21 -2.19 27.74
CA HIS B 14 -7.52 -0.81 27.37
C HIS B 14 -9.03 -0.54 27.44
N ASP B 15 -9.83 -1.41 26.84
CA ASP B 15 -11.27 -1.22 26.88
C ASP B 15 -11.84 -1.24 28.31
N ALA B 16 -11.34 -2.13 29.17
CA ALA B 16 -11.80 -2.20 30.56
C ALA B 16 -11.48 -0.91 31.33
N GLU B 17 -10.31 -0.34 31.08
CA GLU B 17 -9.90 0.96 31.69
C GLU B 17 -10.86 2.07 31.30
N GLU B 18 -11.18 2.15 30.01
CA GLU B 18 -12.07 3.19 29.52
C GLU B 18 -13.50 3.09 30.05
N ILE B 19 -14.01 1.87 30.22
CA ILE B 19 -15.31 1.67 30.84
C ILE B 19 -15.35 2.28 32.24
N LEU B 20 -14.34 1.95 33.05
CA LEU B 20 -14.25 2.39 34.44
C LEU B 20 -14.42 3.90 34.59
N ARG B 21 -13.84 4.62 33.63
CA ARG B 21 -13.83 6.08 33.63
C ARG B 21 -15.24 6.69 33.59
N PHE B 22 -16.20 6.01 32.96
CA PHE B 22 -17.54 6.56 32.77
C PHE B 22 -18.57 6.00 33.73
N PHE B 23 -18.29 4.85 34.28
CA PHE B 23 -19.21 4.29 35.21
C PHE B 23 -19.17 4.96 36.54
N ASN B 24 -18.13 5.74 36.75
CA ASN B 24 -17.59 6.14 38.03
C ASN B 24 -18.43 7.21 38.71
N CYS B 25 -18.66 8.31 38.00
CA CYS B 25 -19.16 9.59 38.50
C CYS B 25 -19.88 10.25 37.38
N HIS B 26 -21.16 9.98 37.23
CA HIS B 26 -21.90 10.51 36.16
C HIS B 26 -22.29 11.94 36.45
N ASP B 27 -21.98 12.87 35.55
CA ASP B 27 -22.53 14.21 35.55
C ASP B 27 -23.30 14.54 34.32
N SER B 28 -24.60 14.65 34.49
CA SER B 28 -25.52 14.85 33.39
C SER B 28 -25.25 16.13 32.60
N ALA B 29 -24.83 17.18 33.30
CA ALA B 29 -24.56 18.46 32.66
C ALA B 29 -23.34 18.36 31.75
N LEU B 30 -22.36 17.58 32.20
CA LEU B 30 -21.16 17.34 31.39
C LEU B 30 -21.50 16.58 30.10
N GLN B 31 -22.42 15.61 30.22
CA GLN B 31 -22.79 14.80 29.06
C GLN B 31 -23.46 15.72 28.04
N GLN B 32 -24.29 16.63 28.55
CA GLN B 32 -24.99 17.58 27.69
C GLN B 32 -24.02 18.59 27.03
N GLU B 33 -23.06 19.12 27.78
CA GLU B 33 -21.98 19.96 27.22
C GLU B 33 -21.21 19.21 26.12
N ALA B 34 -20.79 17.97 26.41
CA ALA B 34 -20.09 17.12 25.44
C ALA B 34 -20.93 16.94 24.16
N THR B 35 -22.23 16.72 24.35
CA THR B 35 -23.13 16.53 23.21
C THR B 35 -23.13 17.77 22.32
N THR B 36 -23.24 18.93 22.95
CA THR B 36 -23.18 20.20 22.21
C THR B 36 -21.88 20.38 21.44
N LEU B 37 -20.79 20.14 22.13
CA LEU B 37 -19.48 20.25 21.55
C LEU B 37 -19.34 19.41 20.28
N LEU B 38 -19.75 18.17 20.39
CA LEU B 38 -19.59 17.23 19.30
C LEU B 38 -20.57 17.49 18.16
N THR B 39 -21.78 17.91 18.50
CA THR B 39 -22.76 18.25 17.47
C THR B 39 -22.28 19.46 16.67
N GLN B 40 -21.75 20.46 17.36
CA GLN B 40 -21.20 21.61 16.66
C GLN B 40 -19.99 21.30 15.79
N GLU B 41 -19.09 20.47 16.31
CA GLU B 41 -17.92 19.99 15.55
C GLU B 41 -18.34 19.27 14.26
N ALA B 42 -19.34 18.38 14.36
CA ALA B 42 -19.83 17.62 13.25
C ALA B 42 -20.47 18.52 12.21
N HIS B 43 -21.11 19.60 12.67
CA HIS B 43 -21.81 20.51 11.80
C HIS B 43 -20.79 21.26 10.96
N LEU B 44 -19.74 21.76 11.62
CA LEU B 44 -18.65 22.44 10.92
C LEU B 44 -17.99 21.53 9.89
N LEU B 45 -17.72 20.30 10.26
CA LEU B 45 -17.10 19.35 9.34
C LEU B 45 -18.06 19.06 8.19
N ASP B 46 -19.33 18.85 8.50
CA ASP B 46 -20.31 18.50 7.45
C ASP B 46 -20.46 19.55 6.37
N ILE B 47 -20.34 20.82 6.75
CA ILE B 47 -20.45 21.91 5.77
C ILE B 47 -19.08 22.26 5.16
N GLN B 48 -18.07 21.47 5.51
CA GLN B 48 -16.70 21.59 5.01
C GLN B 48 -16.03 22.91 5.39
N ALA B 49 -16.42 23.42 6.55
CA ALA B 49 -15.78 24.57 7.19
C ALA B 49 -14.53 24.09 7.93
N TYR B 50 -13.58 23.57 7.16
CA TYR B 50 -12.39 22.99 7.77
C TYR B 50 -11.53 23.99 8.55
N ARG B 51 -11.40 25.22 8.07
CA ARG B 51 -10.63 26.23 8.81
C ARG B 51 -11.30 26.57 10.11
N ALA B 52 -12.63 26.74 10.08
CA ALA B 52 -13.41 26.99 11.30
C ALA B 52 -13.27 25.82 12.31
N TRP B 53 -13.25 24.60 11.79
CA TRP B 53 -13.07 23.44 12.64
C TRP B 53 -11.72 23.54 13.37
N LEU B 54 -10.66 23.78 12.63
CA LEU B 54 -9.34 23.98 13.26
C LEU B 54 -9.35 25.10 14.31
N GLU B 55 -9.90 26.25 13.95
CA GLU B 55 -9.89 27.40 14.83
C GLU B 55 -10.74 27.18 16.09
N HIS B 56 -11.91 26.57 15.92
CA HIS B 56 -12.86 26.48 17.01
C HIS B 56 -12.84 25.17 17.77
N CYS B 57 -12.36 24.09 17.16
CA CYS B 57 -12.50 22.75 17.75
C CYS B 57 -11.22 22.02 18.05
N VAL B 58 -10.08 22.48 17.49
CA VAL B 58 -8.86 21.70 17.57
C VAL B 58 -7.74 22.44 18.33
N GLY B 59 -7.25 21.79 19.38
CA GLY B 59 -6.21 22.40 20.20
C GLY B 59 -4.84 22.37 19.54
N SER B 60 -4.01 23.36 19.88
CA SER B 60 -2.69 23.42 19.27
C SER B 60 -1.83 22.19 19.61
N GLU B 61 -2.09 21.53 20.73
CA GLU B 61 -1.31 20.34 21.10
C GLU B 61 -1.98 19.00 20.68
N VAL B 62 -2.93 19.05 19.75
CA VAL B 62 -3.70 17.88 19.39
C VAL B 62 -2.83 16.72 18.89
N GLN B 63 -3.24 15.51 19.24
CA GLN B 63 -2.88 14.29 18.52
C GLN B 63 -4.18 13.70 17.93
N TYR B 64 -4.25 13.63 16.61
CA TYR B 64 -5.42 13.10 15.91
C TYR B 64 -5.03 11.78 15.25
N GLN B 65 -5.51 10.69 15.81
CA GLN B 65 -4.99 9.37 15.47
C GLN B 65 -6.09 8.36 15.17
N VAL B 66 -5.93 7.70 14.02
CA VAL B 66 -6.81 6.60 13.60
C VAL B 66 -5.91 5.45 13.22
N ILE B 67 -6.03 4.32 13.92
CA ILE B 67 -5.24 3.15 13.62
C ILE B 67 -5.99 2.06 12.89
N SER B 68 -5.20 1.22 12.23
CA SER B 68 -5.66 -0.06 11.68
C SER B 68 -4.81 -1.18 12.26
N ARG B 69 -5.48 -2.09 12.97
CA ARG B 69 -4.83 -3.14 13.71
C ARG B 69 -4.80 -4.42 12.88
N GLU B 70 -3.62 -5.03 12.78
CA GLU B 70 -3.45 -6.27 12.05
C GLU B 70 -4.26 -7.37 12.74
N LEU B 71 -4.90 -8.20 11.93
CA LEU B 71 -5.68 -9.34 12.42
C LEU B 71 -4.73 -10.42 12.88
N ARG B 72 -4.83 -10.75 14.17
CA ARG B 72 -3.98 -11.74 14.84
C ARG B 72 -4.85 -12.74 15.57
N ALA B 73 -4.26 -13.88 15.94
CA ALA B 73 -5.02 -14.95 16.59
C ALA B 73 -5.39 -14.51 18.01
N ALA B 74 -6.60 -14.85 18.43
CA ALA B 74 -7.02 -14.50 19.78
C ALA B 74 -6.07 -15.12 20.82
N SER B 75 -5.52 -16.29 20.48
CA SER B 75 -4.57 -16.98 21.37
C SER B 75 -3.12 -16.54 21.19
N GLU B 76 -2.84 -15.65 20.24
CA GLU B 76 -1.45 -15.27 19.93
C GLU B 76 -0.73 -14.68 21.11
N ARG B 77 0.46 -15.20 21.38
CA ARG B 77 1.25 -14.75 22.52
C ARG B 77 2.75 -14.66 22.24
N ARG B 78 3.18 -15.02 21.04
CA ARG B 78 4.60 -15.01 20.70
C ARG B 78 4.98 -13.91 19.72
N TYR B 79 4.19 -13.71 18.68
CA TYR B 79 4.51 -12.76 17.65
C TYR B 79 4.25 -11.35 18.16
N LYS B 80 5.29 -10.53 18.13
CA LYS B 80 5.35 -9.27 18.85
C LYS B 80 5.71 -8.01 18.04
N LEU B 81 5.54 -8.06 16.74
CA LEU B 81 5.86 -6.91 15.91
C LEU B 81 4.71 -5.94 15.88
N ASN B 82 4.99 -4.74 15.41
CA ASN B 82 4.03 -3.66 15.31
C ASN B 82 2.63 -4.19 15.06
N GLU B 83 1.75 -3.92 16.02
CA GLU B 83 0.40 -4.42 15.98
C GLU B 83 -0.52 -3.62 15.06
N ALA B 84 -0.22 -2.35 14.88
CA ALA B 84 -1.07 -1.45 14.13
C ALA B 84 -0.25 -0.47 13.28
N MET B 85 -0.91 0.12 12.29
CA MET B 85 -0.37 1.26 11.57
C MET B 85 -1.30 2.45 11.75
N ASN B 86 -0.77 3.64 11.48
CA ASN B 86 -1.49 4.90 11.63
C ASN B 86 -2.06 5.37 10.29
N VAL B 87 -3.37 5.24 10.15
CA VAL B 87 -4.07 5.88 9.04
C VAL B 87 -3.93 7.41 9.15
N TYR B 88 -4.14 7.90 10.38
CA TYR B 88 -3.88 9.28 10.75
C TYR B 88 -3.06 9.23 12.04
N ASN B 89 -2.07 10.12 12.17
CA ASN B 89 -1.42 10.40 13.44
C ASN B 89 -0.83 11.80 13.38
N GLU B 90 -1.74 12.77 13.50
CA GLU B 90 -1.50 14.12 13.09
C GLU B 90 -1.38 15.06 14.26
N ASN B 91 -0.36 15.90 14.22
CA ASN B 91 -0.32 17.10 15.04
C ASN B 91 -1.09 18.22 14.32
N PHE B 92 -1.17 19.38 14.98
CA PHE B 92 -1.91 20.53 14.44
C PHE B 92 -1.41 20.94 13.05
N GLN B 93 -0.09 20.99 12.86
CA GLN B 93 0.43 21.41 11.56
C GLN B 93 0.07 20.43 10.46
N GLN B 94 0.11 19.15 10.77
CA GLN B 94 -0.27 18.11 9.83
C GLN B 94 -1.76 18.16 9.49
N LEU B 95 -2.60 18.39 10.48
CA LEU B 95 -4.03 18.63 10.20
C LEU B 95 -4.19 19.84 9.28
N LYS B 96 -3.43 20.91 9.54
CA LYS B 96 -3.51 22.09 8.70
C LYS B 96 -3.13 21.80 7.23
N VAL B 97 -2.07 21.03 7.03
CA VAL B 97 -1.70 20.60 5.69
C VAL B 97 -2.90 19.92 5.01
N ARG B 98 -3.54 18.99 5.73
CA ARG B 98 -4.70 18.28 5.19
C ARG B 98 -5.85 19.23 4.88
N VAL B 99 -6.02 20.25 5.73
CA VAL B 99 -7.10 21.22 5.50
C VAL B 99 -6.78 22.05 4.26
N GLU B 100 -5.52 22.45 4.09
CA GLU B 100 -5.14 23.23 2.91
C GLU B 100 -5.31 22.40 1.63
N HIS B 101 -4.99 21.12 1.71
CA HIS B 101 -5.22 20.21 0.59
C HIS B 101 -6.70 20.13 0.21
N GLN B 102 -7.58 20.08 1.21
CA GLN B 102 -9.02 20.12 0.96
C GLN B 102 -9.45 21.42 0.26
N LEU B 103 -8.87 22.55 0.66
CA LEU B 103 -9.33 23.86 0.18
C LEU B 103 -8.68 24.31 -1.12
N ASP B 104 -7.64 23.59 -1.54
CA ASP B 104 -6.85 24.01 -2.70
C ASP B 104 -7.74 23.96 -3.95
N PRO B 105 -7.75 25.04 -4.76
CA PRO B 105 -8.61 25.04 -5.93
C PRO B 105 -8.18 24.08 -7.05
N GLN B 106 -7.01 23.47 -6.92
CA GLN B 106 -6.58 22.41 -7.84
C GLN B 106 -6.69 21.02 -7.24
N ASN B 107 -7.42 20.91 -6.12
CA ASN B 107 -7.90 19.59 -5.66
C ASN B 107 -9.06 19.18 -6.56
N TRP B 108 -8.73 18.47 -7.63
CA TRP B 108 -9.70 18.13 -8.65
C TRP B 108 -10.81 17.22 -8.11
N GLY B 109 -10.49 16.38 -7.13
CA GLY B 109 -11.48 15.45 -6.59
C GLY B 109 -12.58 16.13 -5.82
N ASN B 110 -12.38 17.40 -5.48
CA ASN B 110 -13.41 18.16 -4.78
C ASN B 110 -14.37 18.93 -5.69
N SER B 111 -14.36 18.63 -6.99
CA SER B 111 -15.30 19.22 -7.93
C SER B 111 -15.89 18.11 -8.78
N PRO B 112 -17.23 17.95 -8.75
CA PRO B 112 -18.23 18.73 -8.01
C PRO B 112 -18.06 18.53 -6.49
N LYS B 113 -18.54 19.48 -5.72
CA LYS B 113 -18.38 19.48 -4.28
C LYS B 113 -18.93 18.21 -3.65
N LEU B 114 -18.20 17.68 -2.69
CA LEU B 114 -18.62 16.49 -1.94
C LEU B 114 -19.79 16.82 -1.01
N ARG B 115 -20.48 15.79 -0.55
CA ARG B 115 -21.56 15.95 0.44
C ARG B 115 -21.30 15.05 1.62
N PHE B 116 -21.19 15.64 2.80
CA PHE B 116 -20.99 14.93 4.05
C PHE B 116 -22.19 15.06 5.00
N THR B 117 -22.53 13.96 5.65
CA THR B 117 -23.51 13.95 6.74
C THR B 117 -23.02 13.01 7.83
N ARG B 118 -22.90 13.55 9.04
CA ARG B 118 -22.40 12.84 10.22
C ARG B 118 -23.50 12.59 11.27
N PHE B 119 -23.44 11.43 11.89
CA PHE B 119 -24.42 11.04 12.90
C PHE B 119 -23.61 10.65 14.12
N ILE B 120 -23.73 11.48 15.16
CA ILE B 120 -23.00 11.30 16.40
C ILE B 120 -23.92 10.78 17.47
N THR B 121 -23.53 9.67 18.10
CA THR B 121 -24.36 9.00 19.09
C THR B 121 -23.52 8.52 20.29
N ASN B 122 -24.20 8.02 21.31
CA ASN B 122 -23.55 7.28 22.42
C ASN B 122 -22.51 8.14 23.16
N VAL B 123 -22.84 9.42 23.33
CA VAL B 123 -21.92 10.35 23.99
C VAL B 123 -21.83 10.04 25.48
N GLN B 124 -20.59 9.91 25.98
CA GLN B 124 -20.32 9.86 27.39
C GLN B 124 -19.20 10.86 27.68
N ALA B 125 -19.24 11.44 28.88
CA ALA B 125 -18.26 12.45 29.27
C ALA B 125 -17.85 12.26 30.72
N ALA B 126 -16.57 12.41 30.99
CA ALA B 126 -16.06 12.33 32.38
C ALA B 126 -14.80 13.16 32.51
N MET B 127 -14.70 13.94 33.59
CA MET B 127 -13.50 14.71 33.85
C MET B 127 -12.40 13.76 34.25
N ASP B 128 -11.18 14.06 33.84
CA ASP B 128 -10.01 13.32 34.27
C ASP B 128 -9.85 13.45 35.79
N VAL B 129 -9.44 12.34 36.42
CA VAL B 129 -9.24 12.27 37.88
C VAL B 129 -8.09 13.15 38.34
N ASN B 130 -7.02 13.15 37.58
CA ASN B 130 -5.78 13.80 37.99
C ASN B 130 -5.55 15.15 37.31
N ASP B 131 -6.16 15.37 36.16
CA ASP B 131 -6.15 16.70 35.52
C ASP B 131 -7.57 17.26 35.43
N LYS B 132 -7.88 18.14 36.40
CA LYS B 132 -9.25 18.69 36.58
C LYS B 132 -9.80 19.43 35.36
N GLU B 133 -8.91 19.78 34.44
CA GLU B 133 -9.28 20.53 33.27
C GLU B 133 -9.29 19.69 31.98
N LEU B 134 -9.09 18.39 32.12
CA LEU B 134 -9.09 17.49 30.96
C LEU B 134 -10.41 16.72 30.94
N LEU B 135 -11.17 16.91 29.88
CA LEU B 135 -12.45 16.21 29.73
C LEU B 135 -12.30 15.00 28.79
N HIS B 136 -12.59 13.81 29.30
CA HIS B 136 -12.72 12.62 28.46
C HIS B 136 -14.13 12.56 27.84
N ILE B 137 -14.19 12.41 26.52
CA ILE B 137 -15.48 12.26 25.84
C ILE B 137 -15.39 11.08 24.91
N ARG B 138 -16.35 10.17 25.04
CA ARG B 138 -16.49 9.05 24.10
C ARG B 138 -17.75 9.25 23.26
N SER B 139 -17.68 8.88 21.98
CA SER B 139 -18.83 9.00 21.09
C SER B 139 -18.61 8.11 19.87
N ASN B 140 -19.71 7.71 19.24
CA ASN B 140 -19.64 6.94 18.01
C ASN B 140 -20.12 7.80 16.86
N VAL B 141 -19.54 7.56 15.68
CA VAL B 141 -19.90 8.29 14.47
C VAL B 141 -20.22 7.36 13.30
N ILE B 142 -21.32 7.68 12.59
CA ILE B 142 -21.55 7.18 11.26
C ILE B 142 -21.31 8.40 10.37
N LEU B 143 -20.48 8.24 9.37
CA LEU B 143 -20.10 9.32 8.47
C LEU B 143 -20.43 8.86 7.05
N HIS B 144 -21.34 9.60 6.42
CA HIS B 144 -21.78 9.36 5.05
C HIS B 144 -21.18 10.43 4.12
N ARG B 145 -20.42 9.95 3.13
CA ARG B 145 -19.84 10.79 2.09
C ARG B 145 -20.39 10.38 0.73
N ALA B 146 -20.96 11.34 0.01
CA ALA B 146 -21.50 11.09 -1.30
C ALA B 146 -20.82 12.01 -2.29
N ARG B 147 -20.49 11.45 -3.44
CA ARG B 147 -19.89 12.24 -4.50
C ARG B 147 -20.14 11.62 -5.87
N ARG B 148 -20.09 12.49 -6.87
CA ARG B 148 -20.03 12.07 -8.25
C ARG B 148 -21.16 11.21 -8.74
N GLY B 149 -22.34 11.55 -8.26
CA GLY B 149 -23.55 10.96 -8.71
C GLY B 149 -23.93 9.70 -7.97
N ASN B 150 -23.05 8.70 -7.99
CA ASN B 150 -23.36 7.40 -7.45
C ASN B 150 -22.31 6.77 -6.54
N GLN B 151 -21.34 7.57 -6.08
CA GLN B 151 -20.39 7.11 -5.09
C GLN B 151 -20.89 7.43 -3.68
N VAL B 152 -21.01 6.39 -2.86
CA VAL B 152 -21.48 6.53 -1.50
C VAL B 152 -20.63 5.68 -0.58
N ASP B 153 -20.05 6.35 0.40
CA ASP B 153 -19.18 5.66 1.36
C ASP B 153 -19.63 5.95 2.76
N VAL B 154 -19.80 4.89 3.56
CA VAL B 154 -20.29 5.02 4.94
C VAL B 154 -19.23 4.42 5.89
N PHE B 155 -18.82 5.25 6.82
CA PHE B 155 -17.80 4.95 7.80
C PHE B 155 -18.44 4.83 9.18
N TYR B 156 -17.92 3.92 9.99
CA TYR B 156 -18.43 3.62 11.33
C TYR B 156 -17.28 3.54 12.34
N ALA B 157 -17.36 4.24 13.46
CA ALA B 157 -16.22 4.28 14.41
C ALA B 157 -16.64 4.75 15.78
N ALA B 158 -15.87 4.32 16.77
CA ALA B 158 -15.95 4.82 18.15
C ALA B 158 -14.76 5.74 18.33
N ARG B 159 -15.00 6.91 18.91
CA ARG B 159 -13.97 7.89 19.17
C ARG B 159 -13.68 8.08 20.64
N GLU B 160 -12.42 7.92 21.02
CA GLU B 160 -11.96 8.25 22.38
C GLU B 160 -11.22 9.59 22.35
N ASP B 161 -11.89 10.63 22.85
CA ASP B 161 -11.38 11.99 22.80
C ASP B 161 -10.96 12.48 24.18
N LYS B 162 -9.99 13.40 24.16
CA LYS B 162 -9.68 14.28 25.28
C LYS B 162 -9.85 15.73 24.78
N TRP B 163 -10.59 16.52 25.55
CA TRP B 163 -10.84 17.89 25.21
C TRP B 163 -10.45 18.75 26.40
N LYS B 164 -9.92 19.93 26.13
CA LYS B 164 -9.46 20.81 27.19
C LYS B 164 -9.72 22.27 26.81
N ARG B 165 -10.02 23.11 27.81
CA ARG B 165 -10.26 24.54 27.54
C ARG B 165 -9.02 25.25 27.06
N GLY B 166 -9.16 25.97 25.97
CA GLY B 166 -8.04 26.72 25.39
C GLY B 166 -8.30 28.22 25.27
N GLU B 167 -7.90 28.77 24.12
CA GLU B 167 -8.00 30.21 23.88
C GLU B 167 -9.45 30.63 24.08
N GLY B 168 -9.66 31.68 24.89
CA GLY B 168 -10.99 32.21 25.15
C GLY B 168 -11.89 31.32 26.01
N GLY B 169 -11.27 30.33 26.67
CA GLY B 169 -12.01 29.35 27.46
C GLY B 169 -12.79 28.32 26.66
N VAL B 170 -12.58 28.27 25.33
CA VAL B 170 -13.30 27.34 24.46
C VAL B 170 -12.67 25.94 24.58
N ARG B 171 -13.48 24.91 24.85
CA ARG B 171 -12.96 23.53 24.90
C ARG B 171 -12.58 23.06 23.49
N LYS B 172 -11.38 22.54 23.38
CA LYS B 172 -10.86 22.08 22.11
C LYS B 172 -10.31 20.67 22.22
N LEU B 173 -10.34 19.98 21.08
CA LEU B 173 -9.89 18.62 21.00
C LEU B 173 -8.38 18.57 21.16
N VAL B 174 -7.91 17.82 22.16
CA VAL B 174 -6.46 17.61 22.32
C VAL B 174 -5.98 16.20 22.01
N GLN B 175 -6.90 15.26 21.93
CA GLN B 175 -6.57 13.93 21.44
C GLN B 175 -7.83 13.29 20.95
N ARG B 176 -7.75 12.68 19.78
CA ARG B 176 -8.76 11.78 19.30
C ARG B 176 -8.06 10.50 18.91
N PHE B 177 -8.58 9.39 19.43
CA PHE B 177 -8.09 8.06 19.11
C PHE B 177 -9.25 7.24 18.59
N VAL B 178 -9.04 6.66 17.42
CA VAL B 178 -9.98 5.74 16.76
C VAL B 178 -9.21 4.49 16.32
N ASP B 179 -9.73 3.35 16.71
CA ASP B 179 -9.24 2.05 16.26
C ASP B 179 -10.25 1.60 15.21
N TYR B 180 -9.92 1.76 13.92
CA TYR B 180 -10.93 1.62 12.88
C TYR B 180 -11.42 0.16 12.81
N PRO B 181 -12.74 -0.06 12.86
CA PRO B 181 -13.19 -1.45 13.04
C PRO B 181 -13.05 -2.38 11.83
N GLU B 182 -12.99 -1.82 10.63
CA GLU B 182 -12.86 -2.61 9.41
C GLU B 182 -11.39 -2.62 9.00
N ARG B 183 -10.83 -3.81 8.88
CA ARG B 183 -9.43 -3.94 8.50
C ARG B 183 -9.12 -3.53 7.07
N ILE B 184 -9.92 -4.05 6.12
CA ILE B 184 -9.78 -3.72 4.69
C ILE B 184 -10.88 -2.69 4.35
N LEU B 185 -10.48 -1.47 4.06
CA LEU B 185 -11.46 -0.44 3.77
C LEU B 185 -12.17 -0.73 2.44
N GLN B 186 -13.48 -0.60 2.44
CA GLN B 186 -14.27 -0.72 1.22
C GLN B 186 -14.94 0.60 0.85
N THR B 187 -14.24 1.67 1.16
CA THR B 187 -14.73 3.03 0.96
C THR B 187 -13.82 3.91 0.03
N HIS B 188 -13.02 3.26 -0.78
CA HIS B 188 -12.07 3.89 -1.67
C HIS B 188 -10.87 4.47 -0.95
N ASN B 189 -11.12 5.14 0.15
CA ASN B 189 -10.07 5.66 0.98
C ASN B 189 -10.65 6.00 2.36
N LEU B 190 -9.82 6.47 3.28
CA LEU B 190 -10.26 7.01 4.58
C LEU B 190 -10.04 8.53 4.73
N MET B 191 -10.23 9.22 3.62
CA MET B 191 -9.97 10.66 3.55
C MET B 191 -11.11 11.47 4.10
N VAL B 192 -11.54 11.12 5.31
CA VAL B 192 -12.60 11.85 6.03
C VAL B 192 -12.09 12.05 7.44
N PHE B 193 -12.48 13.17 8.04
CA PHE B 193 -12.18 13.41 9.43
C PHE B 193 -13.26 12.76 10.27
N LEU B 194 -12.90 11.63 10.86
CA LEU B 194 -13.75 10.97 11.81
C LEU B 194 -13.74 11.77 13.10
FE FE C . 0.06 9.88 -8.49
S SO4 D . 18.45 -10.16 -24.46
O1 SO4 D . 17.29 -11.01 -24.76
O2 SO4 D . 18.69 -9.21 -25.54
O3 SO4 D . 18.39 -9.56 -23.11
O4 SO4 D . 19.63 -11.04 -24.44
S SO4 E . 1.62 -41.59 5.90
O1 SO4 E . 0.23 -41.42 6.32
O2 SO4 E . 1.76 -41.17 4.50
O3 SO4 E . 2.51 -40.81 6.76
O4 SO4 E . 2.00 -43.00 6.01
FE1 FES F . -11.90 -31.01 6.72
FE2 FES F . -10.13 -29.03 6.74
S1 FES F . -10.20 -30.77 8.05
S2 FES F . -11.91 -29.16 5.47
C1 AN3 G . 4.98 9.37 -8.04
C2 AN3 G . 3.93 8.49 -7.92
C3 AN3 G . 5.79 9.36 -9.14
C4 AN3 G . 3.65 7.62 -8.93
C5 AN3 G . 5.50 8.50 -10.15
C6 AN3 G . 4.46 7.61 -10.05
C7 AN3 G . 8.39 12.88 -7.25
C8 AN3 G . 7.58 12.86 -6.14
C9 AN3 G . 8.15 12.00 -8.27
C10 AN3 G . 6.54 11.97 -6.09
C11 AN3 G . 7.11 11.09 -8.20
C12 AN3 G . 6.31 11.09 -7.10
C13 AN3 G . 5.24 10.25 -7.03
C14 AN3 G . 6.85 10.23 -9.22
C1 EDO H . 8.79 -11.56 15.51
O1 EDO H . 9.51 -12.81 15.60
C2 EDO H . 8.77 -10.92 16.89
O2 EDO H . 7.85 -11.62 17.76
C1 EDO I . -7.77 -35.66 18.75
O1 EDO I . -7.28 -34.95 17.59
C2 EDO I . -8.04 -37.12 18.43
O2 EDO I . -6.95 -37.76 17.73
C1 EDO J . -0.20 -8.99 5.98
O1 EDO J . -0.59 -10.36 6.12
C2 EDO J . -1.42 -8.11 5.99
O2 EDO J . -1.68 -7.49 7.26
C1 EDO K . 5.55 2.66 12.89
O1 EDO K . 5.11 1.73 13.90
C2 EDO K . 5.15 4.07 13.26
O2 EDO K . 4.60 4.13 14.59
C1 EDO L . -19.26 -7.91 -15.46
O1 EDO L . -19.03 -9.09 -16.23
C2 EDO L . -19.70 -6.78 -16.38
O2 EDO L . -18.55 -6.19 -16.99
C1 EDO M . -17.35 0.02 -31.45
O1 EDO M . -16.14 -0.70 -31.20
C2 EDO M . -17.13 1.04 -32.56
O2 EDO M . -16.50 2.22 -32.06
C1 EDO N . 13.57 -18.99 0.44
O1 EDO N . 14.03 -19.37 1.74
C2 EDO N . 13.58 -17.48 0.27
O2 EDO N . 14.74 -16.87 0.88
C1 EDO O . 21.46 10.43 -18.10
O1 EDO O . 21.94 11.62 -18.72
C2 EDO O . 21.33 10.67 -16.60
O2 EDO O . 20.57 11.84 -16.32
C1 EDO P . 26.95 2.51 3.92
O1 EDO P . 28.14 2.84 4.64
C2 EDO P . 26.01 1.71 4.83
O2 EDO P . 25.45 2.53 5.87
C1 EDO Q . -1.95 -17.55 -24.08
O1 EDO Q . -2.26 -18.58 -23.13
C2 EDO Q . -2.13 -18.03 -25.50
O2 EDO Q . -3.53 -18.21 -25.80
C1 EDO R . -7.41 -18.92 -22.76
O1 EDO R . -6.09 -19.49 -22.69
C2 EDO R . -8.13 -18.94 -21.41
O2 EDO R . -7.44 -18.21 -20.38
C1 EDO S . -1.14 -28.75 13.69
O1 EDO S . -0.24 -29.74 13.16
C2 EDO S . -0.53 -28.00 14.87
O2 EDO S . 0.90 -28.16 14.95
C1 EDO T . -2.50 -16.80 -9.60
O1 EDO T . -2.43 -18.15 -9.16
C2 EDO T . -3.91 -16.39 -10.00
O2 EDO T . -4.71 -16.06 -8.86
C1 EDO U . -8.91 5.41 -25.04
O1 EDO U . -10.34 5.38 -24.87
C2 EDO U . -8.44 6.79 -25.52
O2 EDO U . -8.89 7.11 -26.83
S SO4 V . 1.13 6.63 20.25
O1 SO4 V . 0.75 5.67 19.20
O2 SO4 V . 0.08 6.68 21.26
O3 SO4 V . 2.38 6.22 20.89
O4 SO4 V . 1.32 7.98 19.69
S SO4 W . -5.55 26.69 21.65
O1 SO4 W . -6.93 27.15 21.80
O2 SO4 W . -5.08 26.89 20.30
O3 SO4 W . -4.71 27.41 22.60
O4 SO4 W . -5.41 25.28 21.99
C1 EDO X . -9.71 14.78 5.86
O1 EDO X . -9.22 13.60 5.24
C2 EDO X . -10.47 15.65 4.83
O2 EDO X . -11.68 15.03 4.39
C1 EDO Y . 5.82 13.79 14.19
O1 EDO Y . 5.51 14.18 12.86
C2 EDO Y . 5.84 14.98 15.15
O2 EDO Y . 4.64 15.09 15.96
C1 EDO Z . -11.07 2.79 20.54
O1 EDO Z . -12.16 1.99 20.97
C2 EDO Z . -11.57 3.90 19.64
O2 EDO Z . -12.12 3.36 18.43
C1 EDO AA . 0.26 1.52 16.89
O1 EDO AA . 0.13 2.41 15.73
C2 EDO AA . 1.61 0.79 17.07
O2 EDO AA . 1.59 -0.65 16.88
C1 EDO BA . -16.60 9.95 -12.66
O1 EDO BA . -15.88 10.79 -11.77
C2 EDO BA . -17.59 10.82 -13.38
O2 EDO BA . -18.61 11.22 -12.47
C1 EDO CA . -15.67 0.50 -3.08
O1 EDO CA . -16.14 -0.59 -2.26
C2 EDO CA . -14.16 0.44 -3.09
O2 EDO CA . -13.62 0.58 -1.77
C1 EDO DA . -23.75 18.98 4.35
O1 EDO DA . -24.08 17.90 3.44
C2 EDO DA . -24.95 19.71 4.95
O2 EDO DA . -25.92 20.08 3.96
C1 EDO EA . -6.82 23.60 24.14
O1 EDO EA . -5.87 23.12 23.19
C2 EDO EA . -6.56 22.91 25.45
O2 EDO EA . -5.23 23.17 25.89
C1 EDO FA . 9.85 0.08 12.92
O1 EDO FA . 9.29 -0.75 13.94
C2 EDO FA . 9.19 1.44 12.97
O2 EDO FA . 9.45 2.08 14.22
#